data_4O3T
#
_entry.id   4O3T
#
_cell.length_a   59.789
_cell.length_b   121.467
_cell.length_c   137.657
_cell.angle_alpha   90.00
_cell.angle_beta   90.00
_cell.angle_gamma   90.00
#
_symmetry.space_group_name_H-M   'P 21 21 21'
#
loop_
_entity.id
_entity.type
_entity.pdbx_description
1 polymer 'Hepatocyte growth factor'
2 polymer 'Hepatocyte growth factor receptor'
3 polymer ZAP.14
4 branched alpha-L-fucopyranose-(1-3)-[2-acetamido-2-deoxy-beta-D-glucopyranose-(1-4)]2-acetamido-2-deoxy-beta-D-glucopyranose
5 non-polymer 'PENTAETHYLENE GLYCOL'
#
loop_
_entity_poly.entity_id
_entity_poly.type
_entity_poly.pdbx_seq_one_letter_code
_entity_poly.pdbx_strand_id
1 'polypeptide(L)'
;GVNGIPTRTNIGWMVSLRYRNKHICGGSLIKESWVLTARQCFPSRDLKDYEAWLGIHDVHGRGDEKCKQVLNVSQLVYGP
EGSDLVLMKLARPAVLDDFVSTIDLPNYGSTIPEKTSCSVYGWGYTGLINYDGLLRVAHLYIMGNEKCSQHHRGKVTLNE
SEICAGAEKIGSGPCEGDYGGPLVCEQHKMRMVLGVIVPGRGCAIPNRPGIFVRVAYYAKWIHKIILTYKVPQSHHHHHH
;
A
2 'polypeptide(L)'
;ECKEALAKSEMNVNMKYQLPNFTAETPIQNVILHEHHIFLGATNYIYVLNEEDLQKVAEYKTGPVLEHPDCFPCQDCSSK
ANLSGGVWKDNINMALVVDTYYDDQLISCGSVNRGTCQRHVFPHNHTADIQSEVHCIFSPQIEEPSQCPDCVVSALGAKV
LSSVKDRFINFFVGNTINSSYFPDHPLHSISVRRLKETKDGFMFLTDQSYIDVLPEFRDSYPIKYVHAFESNNFIYFLTV
QRETLDAQTFHTRIIRFCSINSGLHSYMEMPLECILTEKRKKRSTKKEVFNILQAAYVSKPGAQLARQIGASLNDDILFG
VFAQSKPDSAEPMDRSAMCAFPIKYVNDFFNKIVNKNNVRCLQHFYGPNHEHCFNRTLLRNSSGCEARRDEYRTEFTTAL
QRVDLFMGQFSEVLLTSISTFIKGDLTIANLGTSEGRFMQVVVSRSGPSTPHVNFLLDSHPVSPEVIVEHTLNQNGYTLV
ITGKKITKIPLNGLGCRHFQSCSQCLSAPPFVQCGWCHDKCVRSEECLSGTWTQQICLPAIYKHHHHHHHH
;
B
3 'polypeptide(L)' IVGGYPWWMDV P
#
# COMPACT_ATOMS: atom_id res chain seq x y z
N ASN A 10 -42.02 -12.18 -2.50
CA ASN A 10 -41.45 -11.24 -3.46
C ASN A 10 -40.28 -10.43 -2.85
N ILE A 11 -39.38 -9.93 -3.73
CA ILE A 11 -38.15 -9.20 -3.42
C ILE A 11 -38.10 -7.75 -3.95
N GLY A 12 -39.22 -7.02 -3.80
CA GLY A 12 -39.38 -5.66 -4.29
C GLY A 12 -38.47 -4.57 -3.75
N TRP A 13 -37.67 -4.88 -2.71
CA TRP A 13 -36.75 -3.94 -2.08
C TRP A 13 -35.35 -3.87 -2.72
N MET A 14 -35.00 -4.85 -3.59
CA MET A 14 -33.71 -4.90 -4.27
C MET A 14 -33.49 -3.75 -5.24
N VAL A 15 -32.51 -2.89 -4.92
CA VAL A 15 -32.14 -1.75 -5.74
C VAL A 15 -30.85 -2.07 -6.48
N SER A 16 -30.71 -1.54 -7.70
CA SER A 16 -29.53 -1.67 -8.52
C SER A 16 -29.01 -0.24 -8.72
N LEU A 17 -27.84 0.07 -8.16
CA LEU A 17 -27.21 1.38 -8.31
C LEU A 17 -26.41 1.38 -9.60
N ARG A 18 -26.67 2.37 -10.46
CA ARG A 18 -26.01 2.49 -11.75
C ARG A 18 -25.04 3.64 -11.76
N TYR A 19 -23.79 3.36 -12.15
CA TYR A 19 -22.75 4.37 -12.32
C TYR A 19 -22.39 4.43 -13.80
N ARG A 20 -22.59 5.62 -14.41
CA ARG A 20 -22.32 5.89 -15.82
C ARG A 20 -23.00 4.86 -16.74
N ASN A 21 -24.31 4.64 -16.48
CA ASN A 21 -25.23 3.73 -17.20
C ASN A 21 -24.81 2.25 -17.19
N LYS A 22 -24.10 1.86 -16.11
CA LYS A 22 -23.60 0.51 -15.88
C LYS A 22 -23.84 0.17 -14.40
N HIS A 23 -24.40 -1.04 -14.11
CA HIS A 23 -24.66 -1.52 -12.75
C HIS A 23 -23.36 -1.63 -11.97
N ILE A 24 -23.29 -0.95 -10.82
CA ILE A 24 -22.11 -0.95 -9.96
C ILE A 24 -22.37 -1.67 -8.63
N CYS A 25 -23.56 -1.46 -8.03
CA CYS A 25 -23.89 -1.98 -6.71
C CYS A 25 -25.34 -2.32 -6.50
N GLY A 26 -25.57 -3.14 -5.49
CA GLY A 26 -26.89 -3.51 -4.99
C GLY A 26 -27.24 -2.59 -3.83
N GLY A 27 -28.52 -2.58 -3.47
CA GLY A 27 -29.03 -1.76 -2.38
C GLY A 27 -30.36 -2.22 -1.87
N SER A 28 -30.76 -1.74 -0.68
CA SER A 28 -32.03 -2.12 -0.08
C SER A 28 -32.91 -0.91 0.19
N LEU A 29 -34.17 -0.95 -0.33
CA LEU A 29 -35.15 0.10 -0.12
C LEU A 29 -35.75 -0.11 1.26
N ILE A 30 -35.38 0.74 2.22
CA ILE A 30 -35.82 0.65 3.62
C ILE A 30 -36.95 1.63 3.94
N LYS A 31 -37.08 2.69 3.12
CA LYS A 31 -38.11 3.74 3.15
C LYS A 31 -38.31 4.27 1.72
N GLU A 32 -39.52 4.73 1.38
CA GLU A 32 -39.91 5.22 0.03
C GLU A 32 -38.91 6.12 -0.72
N SER A 33 -38.11 6.92 0.01
CA SER A 33 -37.11 7.82 -0.57
C SER A 33 -35.67 7.49 -0.09
N TRP A 34 -35.51 6.39 0.69
CA TRP A 34 -34.23 5.98 1.28
C TRP A 34 -33.74 4.58 0.92
N VAL A 35 -32.48 4.51 0.42
CA VAL A 35 -31.80 3.28 0.01
C VAL A 35 -30.55 3.06 0.87
N LEU A 36 -30.44 1.86 1.47
CA LEU A 36 -29.31 1.45 2.30
C LEU A 36 -28.31 0.66 1.46
N THR A 37 -27.11 1.24 1.27
CA THR A 37 -26.02 0.66 0.47
C THR A 37 -24.65 0.77 1.19
N ALA A 38 -23.53 0.58 0.44
CA ALA A 38 -22.16 0.63 0.93
C ALA A 38 -21.36 1.77 0.27
N ARG A 39 -20.38 2.34 1.02
CA ARG A 39 -19.52 3.47 0.59
C ARG A 39 -18.66 3.16 -0.64
N GLN A 40 -18.29 1.87 -0.81
CA GLN A 40 -17.47 1.35 -1.89
C GLN A 40 -18.09 1.51 -3.28
N CYS A 41 -19.38 1.82 -3.33
CA CYS A 41 -20.21 1.99 -4.52
C CYS A 41 -20.15 3.40 -5.10
N PHE A 42 -19.35 4.30 -4.50
CA PHE A 42 -19.33 5.68 -4.94
C PHE A 42 -17.99 6.22 -5.42
N PRO A 43 -17.59 5.95 -6.69
CA PRO A 43 -16.30 6.49 -7.17
C PRO A 43 -16.32 8.01 -7.39
N SER A 44 -17.41 8.54 -7.92
CA SER A 44 -17.58 9.97 -8.17
C SER A 44 -18.38 10.65 -7.04
N ARG A 45 -18.13 11.95 -6.81
CA ARG A 45 -18.86 12.73 -5.80
C ARG A 45 -20.02 13.48 -6.47
N ASP A 46 -20.12 13.35 -7.80
CA ASP A 46 -21.16 13.95 -8.62
C ASP A 46 -22.35 12.99 -8.72
N LEU A 47 -23.46 13.35 -8.06
CA LEU A 47 -24.68 12.55 -8.00
C LEU A 47 -25.51 12.49 -9.31
N LYS A 48 -25.02 13.14 -10.37
CA LYS A 48 -25.65 13.14 -11.69
C LYS A 48 -25.28 11.87 -12.45
N ASP A 49 -24.07 11.32 -12.21
CA ASP A 49 -23.56 10.08 -12.82
C ASP A 49 -24.23 8.83 -12.26
N TYR A 50 -25.02 8.98 -11.16
CA TYR A 50 -25.72 7.90 -10.49
C TYR A 50 -27.21 7.87 -10.81
N GLU A 51 -27.75 6.64 -10.81
CA GLU A 51 -29.16 6.34 -11.04
C GLU A 51 -29.54 5.10 -10.23
N ALA A 52 -30.77 5.07 -9.71
CA ALA A 52 -31.29 3.94 -8.93
C ALA A 52 -32.43 3.27 -9.69
N TRP A 53 -32.30 1.96 -9.91
CA TRP A 53 -33.32 1.17 -10.62
C TRP A 53 -34.03 0.27 -9.64
N LEU A 54 -35.37 0.34 -9.68
CA LEU A 54 -36.25 -0.44 -8.81
C LEU A 54 -37.25 -1.28 -9.61
N GLY A 55 -37.74 -2.35 -9.00
CA GLY A 55 -38.71 -3.26 -9.59
C GLY A 55 -38.19 -4.08 -10.76
N ILE A 56 -36.91 -4.43 -10.72
CA ILE A 56 -36.25 -5.21 -11.77
C ILE A 56 -35.76 -6.58 -11.27
N HIS A 57 -35.73 -7.57 -12.17
CA HIS A 57 -35.23 -8.92 -11.89
C HIS A 57 -33.95 -9.10 -12.70
N ASP A 58 -33.92 -8.53 -13.91
CA ASP A 58 -32.78 -8.55 -14.83
C ASP A 58 -31.99 -7.26 -14.64
N VAL A 59 -30.64 -7.39 -14.64
CA VAL A 59 -29.68 -6.29 -14.48
C VAL A 59 -29.89 -5.16 -15.51
N HIS A 60 -30.17 -5.51 -16.77
CA HIS A 60 -30.41 -4.56 -17.85
C HIS A 60 -31.87 -4.14 -17.94
N GLY A 61 -32.71 -4.65 -17.03
CA GLY A 61 -34.14 -4.35 -16.94
C GLY A 61 -34.95 -4.72 -18.18
N ARG A 62 -34.61 -5.87 -18.79
CA ARG A 62 -35.19 -6.37 -20.03
C ARG A 62 -36.68 -6.74 -20.06
N GLY A 63 -37.09 -7.71 -19.24
CA GLY A 63 -38.47 -8.16 -19.21
C GLY A 63 -39.33 -7.56 -18.11
N ASP A 64 -38.98 -6.34 -17.67
CA ASP A 64 -39.70 -5.66 -16.59
C ASP A 64 -39.85 -4.14 -16.76
N GLU A 65 -40.19 -3.70 -17.97
CA GLU A 65 -40.41 -2.28 -18.29
C GLU A 65 -41.75 -1.80 -17.69
N LYS A 66 -42.67 -2.76 -17.45
CA LYS A 66 -44.00 -2.53 -16.84
C LYS A 66 -43.86 -2.35 -15.31
N CYS A 67 -42.67 -2.61 -14.74
CA CYS A 67 -42.40 -2.53 -13.30
C CYS A 67 -41.27 -1.54 -12.97
N LYS A 68 -40.24 -1.47 -13.83
CA LYS A 68 -39.04 -0.63 -13.72
C LYS A 68 -39.34 0.80 -13.28
N GLN A 69 -38.64 1.24 -12.22
CA GLN A 69 -38.76 2.57 -11.63
C GLN A 69 -37.39 3.24 -11.55
N VAL A 70 -37.01 3.94 -12.61
CA VAL A 70 -35.73 4.65 -12.68
C VAL A 70 -35.81 5.95 -11.87
N LEU A 71 -34.83 6.16 -10.97
CA LEU A 71 -34.80 7.34 -10.09
C LEU A 71 -33.40 7.93 -9.98
N ASN A 72 -33.32 9.25 -9.75
CA ASN A 72 -32.05 9.99 -9.57
C ASN A 72 -31.70 10.05 -8.09
N VAL A 73 -30.41 10.25 -7.77
CA VAL A 73 -29.92 10.35 -6.39
C VAL A 73 -29.70 11.82 -6.02
N SER A 74 -30.41 12.30 -4.99
CA SER A 74 -30.35 13.70 -4.53
C SER A 74 -29.37 13.97 -3.41
N GLN A 75 -29.26 13.04 -2.43
CA GLN A 75 -28.35 13.17 -1.28
C GLN A 75 -27.60 11.87 -1.01
N LEU A 76 -26.44 12.00 -0.33
CA LEU A 76 -25.59 10.90 0.11
C LEU A 76 -25.23 11.15 1.57
N VAL A 77 -25.73 10.29 2.47
CA VAL A 77 -25.52 10.40 3.91
C VAL A 77 -24.62 9.25 4.39
N TYR A 78 -23.37 9.56 4.72
CA TYR A 78 -22.38 8.58 5.20
C TYR A 78 -22.55 8.24 6.67
N GLY A 79 -22.52 6.94 6.97
CA GLY A 79 -22.64 6.41 8.32
C GLY A 79 -21.43 6.66 9.19
N PRO A 80 -21.46 6.29 10.49
CA PRO A 80 -20.28 6.50 11.35
C PRO A 80 -18.99 5.88 10.80
N GLU A 81 -17.84 6.50 11.11
CA GLU A 81 -16.48 6.13 10.68
C GLU A 81 -16.23 4.62 10.47
N GLY A 82 -16.58 3.82 11.48
CA GLY A 82 -16.42 2.36 11.45
C GLY A 82 -17.20 1.66 10.36
N SER A 83 -18.50 2.02 10.18
CA SER A 83 -19.40 1.45 9.17
C SER A 83 -19.00 1.84 7.78
N ASP A 84 -19.22 0.93 6.83
CA ASP A 84 -18.98 1.18 5.42
C ASP A 84 -20.32 1.48 4.74
N LEU A 85 -21.32 1.87 5.57
CA LEU A 85 -22.69 2.18 5.18
C LEU A 85 -22.87 3.59 4.66
N VAL A 86 -23.88 3.77 3.81
CA VAL A 86 -24.29 5.04 3.22
C VAL A 86 -25.79 5.01 2.92
N LEU A 87 -26.52 6.00 3.43
CA LEU A 87 -27.94 6.15 3.17
C LEU A 87 -28.08 7.06 1.98
N MET A 88 -28.76 6.57 0.96
CA MET A 88 -28.93 7.22 -0.33
C MET A 88 -30.34 7.76 -0.51
N LYS A 89 -30.45 9.09 -0.68
CA LYS A 89 -31.75 9.74 -0.89
C LYS A 89 -32.09 9.87 -2.36
N LEU A 90 -33.30 9.42 -2.71
CA LEU A 90 -33.83 9.45 -4.07
C LEU A 90 -34.50 10.80 -4.29
N ALA A 91 -34.23 11.44 -5.46
CA ALA A 91 -34.75 12.75 -5.86
C ALA A 91 -36.28 12.85 -5.86
N ARG A 92 -36.94 11.69 -5.83
CA ARG A 92 -38.39 11.50 -5.87
C ARG A 92 -38.71 10.20 -5.10
N PRO A 93 -39.82 10.12 -4.33
CA PRO A 93 -40.11 8.85 -3.62
C PRO A 93 -40.55 7.77 -4.60
N ALA A 94 -40.12 6.53 -4.35
CA ALA A 94 -40.47 5.37 -5.16
C ALA A 94 -41.93 5.00 -4.88
N VAL A 95 -42.67 4.66 -5.94
CA VAL A 95 -44.08 4.28 -5.78
C VAL A 95 -44.16 2.78 -5.48
N LEU A 96 -44.72 2.44 -4.32
CA LEU A 96 -44.85 1.05 -3.87
C LEU A 96 -46.04 0.36 -4.50
N ASP A 97 -45.81 -0.86 -5.02
CA ASP A 97 -46.81 -1.70 -5.66
C ASP A 97 -46.52 -3.18 -5.38
N ASP A 98 -46.88 -4.09 -6.30
CA ASP A 98 -46.64 -5.53 -6.13
C ASP A 98 -45.18 -5.89 -6.48
N PHE A 99 -44.48 -4.99 -7.21
CA PHE A 99 -43.10 -5.18 -7.68
C PHE A 99 -42.04 -4.36 -6.96
N VAL A 100 -42.48 -3.30 -6.22
CA VAL A 100 -41.59 -2.43 -5.42
C VAL A 100 -42.15 -2.34 -4.00
N SER A 101 -41.34 -2.72 -3.00
CA SER A 101 -41.69 -2.68 -1.57
C SER A 101 -40.48 -2.28 -0.71
N THR A 102 -40.71 -2.05 0.60
CA THR A 102 -39.61 -1.70 1.52
C THR A 102 -39.25 -2.87 2.45
N ILE A 103 -37.95 -2.99 2.78
CA ILE A 103 -37.43 -4.01 3.69
C ILE A 103 -37.34 -3.45 5.12
N ASP A 104 -37.74 -4.26 6.10
CA ASP A 104 -37.73 -3.90 7.52
C ASP A 104 -36.33 -3.94 8.09
N LEU A 105 -36.06 -3.10 9.10
CA LEU A 105 -34.76 -3.05 9.77
C LEU A 105 -34.84 -3.72 11.14
N PRO A 106 -33.75 -4.32 11.66
CA PRO A 106 -33.80 -4.87 13.03
C PRO A 106 -33.72 -3.74 14.05
N ASN A 107 -34.27 -3.96 15.26
CA ASN A 107 -34.20 -2.97 16.33
C ASN A 107 -32.78 -2.87 16.89
N TYR A 108 -32.39 -1.70 17.43
CA TYR A 108 -31.03 -1.46 17.93
C TYR A 108 -30.39 -2.55 18.83
N GLY A 109 -31.08 -2.96 19.88
CA GLY A 109 -30.56 -3.99 20.78
C GLY A 109 -31.04 -5.37 20.46
N SER A 110 -30.87 -5.81 19.19
CA SER A 110 -31.34 -7.11 18.71
C SER A 110 -30.23 -8.06 18.26
N THR A 111 -30.57 -9.37 18.18
CA THR A 111 -29.72 -10.49 17.71
C THR A 111 -30.56 -11.65 17.20
N ILE A 112 -29.91 -12.52 16.42
CA ILE A 112 -30.44 -13.77 15.84
C ILE A 112 -29.44 -14.85 16.23
N PRO A 113 -29.88 -16.08 16.56
CA PRO A 113 -28.90 -17.09 16.97
C PRO A 113 -28.12 -17.68 15.80
N GLU A 114 -27.00 -18.39 16.11
CA GLU A 114 -26.18 -19.09 15.12
C GLU A 114 -27.08 -20.16 14.46
N LYS A 115 -26.91 -20.39 13.14
CA LYS A 115 -27.67 -21.33 12.29
C LYS A 115 -28.97 -20.73 11.71
N THR A 116 -29.18 -19.40 11.87
CA THR A 116 -30.36 -18.73 11.31
C THR A 116 -30.18 -18.65 9.79
N SER A 117 -31.14 -19.23 9.03
CA SER A 117 -31.08 -19.25 7.57
C SER A 117 -31.28 -17.86 6.97
N CYS A 118 -30.26 -17.41 6.19
CA CYS A 118 -30.23 -16.11 5.54
C CYS A 118 -30.03 -16.21 4.04
N SER A 119 -30.26 -15.11 3.33
CA SER A 119 -30.11 -15.02 1.88
C SER A 119 -29.42 -13.74 1.47
N VAL A 120 -28.50 -13.86 0.50
CA VAL A 120 -27.80 -12.73 -0.09
C VAL A 120 -28.28 -12.58 -1.53
N TYR A 121 -28.56 -11.34 -1.94
CA TYR A 121 -29.05 -11.06 -3.29
C TYR A 121 -28.10 -10.12 -4.04
N GLY A 122 -27.95 -10.35 -5.35
CA GLY A 122 -27.10 -9.51 -6.17
C GLY A 122 -27.02 -9.83 -7.65
N TRP A 123 -26.60 -8.83 -8.44
CA TRP A 123 -26.41 -8.92 -9.89
C TRP A 123 -24.90 -8.91 -10.20
N GLY A 124 -24.09 -9.23 -9.19
CA GLY A 124 -22.64 -9.26 -9.27
C GLY A 124 -22.04 -10.46 -9.97
N TYR A 125 -20.72 -10.67 -9.77
CA TYR A 125 -19.93 -11.76 -10.35
C TYR A 125 -20.45 -13.13 -9.92
N THR A 126 -20.57 -14.06 -10.88
CA THR A 126 -21.12 -15.40 -10.66
C THR A 126 -20.15 -16.55 -10.91
N GLY A 127 -19.11 -16.27 -11.68
CA GLY A 127 -18.10 -17.28 -12.04
C GLY A 127 -18.48 -18.01 -13.32
N LEU A 128 -19.79 -18.14 -13.59
CA LEU A 128 -20.38 -18.78 -14.76
C LEU A 128 -19.88 -18.13 -16.05
N ILE A 129 -19.77 -18.93 -17.13
CA ILE A 129 -19.30 -18.45 -18.43
C ILE A 129 -20.31 -17.45 -19.01
N ASN A 130 -21.58 -17.90 -19.20
CA ASN A 130 -22.63 -17.02 -19.73
C ASN A 130 -23.76 -16.79 -18.73
N TYR A 131 -23.59 -15.75 -17.89
CA TYR A 131 -24.55 -15.32 -16.89
C TYR A 131 -25.67 -14.56 -17.59
N ASP A 132 -26.94 -14.95 -17.31
CA ASP A 132 -28.14 -14.36 -17.91
C ASP A 132 -28.43 -12.91 -17.47
N GLY A 133 -27.91 -12.49 -16.31
CA GLY A 133 -28.14 -11.15 -15.79
C GLY A 133 -29.32 -11.06 -14.84
N LEU A 134 -29.98 -12.20 -14.59
CA LEU A 134 -31.12 -12.32 -13.68
C LEU A 134 -30.65 -12.39 -12.22
N LEU A 135 -31.36 -11.69 -11.32
CA LEU A 135 -31.05 -11.60 -9.88
C LEU A 135 -30.78 -12.98 -9.26
N ARG A 136 -29.68 -13.07 -8.50
CA ARG A 136 -29.28 -14.34 -7.87
C ARG A 136 -29.34 -14.31 -6.35
N VAL A 137 -29.42 -15.50 -5.75
CA VAL A 137 -29.51 -15.73 -4.32
C VAL A 137 -28.55 -16.85 -3.90
N ALA A 138 -28.03 -16.75 -2.68
CA ALA A 138 -27.18 -17.74 -2.04
C ALA A 138 -27.73 -17.96 -0.64
N HIS A 139 -27.89 -19.22 -0.25
CA HIS A 139 -28.43 -19.56 1.05
C HIS A 139 -27.29 -19.72 2.04
N LEU A 140 -27.18 -18.76 2.97
CA LEU A 140 -26.16 -18.72 4.02
C LEU A 140 -26.82 -18.95 5.36
N TYR A 141 -26.03 -19.26 6.40
CA TYR A 141 -26.52 -19.52 7.75
C TYR A 141 -25.68 -18.73 8.74
N ILE A 142 -26.34 -17.97 9.63
CA ILE A 142 -25.68 -17.14 10.64
C ILE A 142 -24.67 -17.92 11.47
N MET A 143 -23.47 -17.34 11.61
CA MET A 143 -22.40 -17.89 12.43
C MET A 143 -22.03 -16.87 13.50
N GLY A 144 -21.82 -17.36 14.72
CA GLY A 144 -21.42 -16.54 15.86
C GLY A 144 -20.03 -16.00 15.65
N ASN A 145 -19.77 -14.78 16.15
CA ASN A 145 -18.48 -14.09 16.01
C ASN A 145 -17.25 -14.83 16.56
N GLU A 146 -17.45 -15.84 17.44
CA GLU A 146 -16.35 -16.65 17.95
C GLU A 146 -15.94 -17.69 16.91
N LYS A 147 -16.90 -18.51 16.42
CA LYS A 147 -16.67 -19.55 15.40
C LYS A 147 -16.21 -18.92 14.09
N CYS A 148 -16.73 -17.73 13.75
CA CYS A 148 -16.39 -16.97 12.55
C CYS A 148 -14.92 -16.56 12.51
N SER A 149 -14.38 -16.08 13.65
CA SER A 149 -12.97 -15.68 13.78
C SER A 149 -12.06 -16.91 13.69
N GLN A 150 -12.55 -18.09 14.18
CA GLN A 150 -11.85 -19.38 14.13
C GLN A 150 -11.83 -19.91 12.69
N HIS A 151 -12.97 -19.75 11.97
CA HIS A 151 -13.12 -20.16 10.56
C HIS A 151 -12.28 -19.28 9.63
N HIS A 152 -11.97 -18.04 10.07
CA HIS A 152 -11.16 -17.06 9.33
C HIS A 152 -9.67 -17.18 9.67
N ARG A 153 -9.31 -18.28 10.38
CA ARG A 153 -7.95 -18.66 10.80
C ARG A 153 -7.22 -17.61 11.66
N GLY A 154 -7.99 -16.86 12.44
CA GLY A 154 -7.50 -15.81 13.33
C GLY A 154 -6.91 -14.60 12.65
N LYS A 155 -7.20 -14.41 11.35
CA LYS A 155 -6.69 -13.28 10.56
C LYS A 155 -7.39 -11.95 10.87
N VAL A 156 -8.66 -12.02 11.34
CA VAL A 156 -9.45 -10.84 11.68
C VAL A 156 -10.30 -11.00 12.95
N THR A 157 -10.20 -10.02 13.86
CA THR A 157 -10.99 -9.96 15.09
C THR A 157 -12.30 -9.26 14.70
N LEU A 158 -13.43 -9.77 15.20
CA LEU A 158 -14.76 -9.24 14.85
C LEU A 158 -15.38 -8.29 15.86
N ASN A 159 -15.80 -7.11 15.36
CA ASN A 159 -16.46 -6.05 16.12
C ASN A 159 -17.96 -6.36 16.29
N GLU A 160 -18.63 -5.57 17.15
CA GLU A 160 -20.08 -5.68 17.41
C GLU A 160 -20.85 -5.22 16.15
N SER A 161 -20.22 -4.33 15.36
CA SER A 161 -20.69 -3.74 14.11
C SER A 161 -20.68 -4.71 12.91
N GLU A 162 -20.31 -5.98 13.14
CA GLU A 162 -20.21 -6.98 12.08
C GLU A 162 -21.09 -8.21 12.33
N ILE A 163 -21.54 -8.84 11.23
CA ILE A 163 -22.38 -10.03 11.24
C ILE A 163 -21.85 -11.09 10.26
N CYS A 164 -21.66 -12.33 10.76
CA CYS A 164 -21.14 -13.47 10.01
C CYS A 164 -22.23 -14.40 9.53
N ALA A 165 -22.09 -14.90 8.30
CA ALA A 165 -22.99 -15.85 7.66
C ALA A 165 -22.23 -16.60 6.56
N GLY A 166 -22.38 -17.92 6.54
CA GLY A 166 -21.72 -18.78 5.57
C GLY A 166 -22.59 -19.91 5.07
N ALA A 167 -22.35 -20.35 3.82
CA ALA A 167 -23.09 -21.44 3.19
C ALA A 167 -22.61 -22.79 3.71
N GLU A 168 -23.40 -23.86 3.50
CA GLU A 168 -23.03 -25.20 3.95
C GLU A 168 -22.17 -26.00 2.96
N LYS A 169 -20.93 -26.33 3.40
CA LYS A 169 -19.90 -27.13 2.70
C LYS A 169 -19.37 -26.59 1.38
N ILE A 170 -20.28 -26.18 0.48
CA ILE A 170 -19.90 -25.62 -0.84
C ILE A 170 -19.43 -24.17 -0.69
N GLY A 171 -18.71 -23.69 -1.71
CA GLY A 171 -18.20 -22.33 -1.76
C GLY A 171 -19.18 -21.42 -2.44
N SER A 172 -19.94 -20.63 -1.65
CA SER A 172 -20.91 -19.69 -2.19
C SER A 172 -21.05 -18.41 -1.39
N GLY A 173 -21.32 -17.31 -2.07
CA GLY A 173 -21.49 -16.01 -1.46
C GLY A 173 -21.35 -14.82 -2.39
N PRO A 174 -21.49 -13.59 -1.85
CA PRO A 174 -21.37 -12.40 -2.69
C PRO A 174 -19.96 -12.12 -3.18
N CYS A 175 -19.85 -11.30 -4.24
CA CYS A 175 -18.58 -10.92 -4.85
C CYS A 175 -18.68 -9.52 -5.49
N GLU A 176 -17.80 -9.20 -6.46
CA GLU A 176 -17.76 -7.93 -7.18
C GLU A 176 -19.13 -7.66 -7.81
N GLY A 177 -19.69 -6.48 -7.55
CA GLY A 177 -20.99 -6.07 -8.07
C GLY A 177 -22.15 -6.33 -7.12
N ASP A 178 -21.94 -7.18 -6.09
CA ASP A 178 -22.95 -7.54 -5.08
C ASP A 178 -22.96 -6.60 -3.88
N TYR A 179 -21.93 -5.75 -3.75
CA TYR A 179 -21.77 -4.81 -2.63
C TYR A 179 -22.94 -3.85 -2.47
N GLY A 180 -23.25 -3.52 -1.23
CA GLY A 180 -24.37 -2.66 -0.87
C GLY A 180 -25.66 -3.43 -0.65
N GLY A 181 -25.75 -4.61 -1.24
CA GLY A 181 -26.90 -5.50 -1.16
C GLY A 181 -27.21 -6.04 0.21
N PRO A 182 -28.33 -6.79 0.36
CA PRO A 182 -28.70 -7.26 1.70
C PRO A 182 -28.40 -8.72 2.06
N LEU A 183 -28.33 -8.96 3.38
CA LEU A 183 -28.25 -10.27 4.02
C LEU A 183 -29.61 -10.35 4.71
N VAL A 184 -30.57 -10.93 4.01
CA VAL A 184 -31.95 -11.03 4.49
C VAL A 184 -32.11 -12.27 5.37
N CYS A 185 -32.65 -12.07 6.57
CA CYS A 185 -32.95 -13.12 7.54
C CYS A 185 -34.35 -12.85 8.10
N GLU A 186 -35.05 -13.90 8.58
CA GLU A 186 -36.38 -13.75 9.16
C GLU A 186 -36.28 -13.53 10.68
N GLN A 187 -36.75 -12.35 11.15
CA GLN A 187 -36.75 -11.96 12.56
C GLN A 187 -38.17 -11.65 12.98
N HIS A 188 -38.64 -12.30 14.07
CA HIS A 188 -39.99 -12.15 14.65
C HIS A 188 -41.07 -12.26 13.56
N LYS A 189 -41.11 -13.42 12.85
CA LYS A 189 -42.06 -13.70 11.76
C LYS A 189 -42.06 -12.57 10.71
N MET A 190 -40.87 -12.01 10.40
CA MET A 190 -40.73 -10.91 9.44
C MET A 190 -39.35 -10.86 8.80
N ARG A 191 -39.31 -10.71 7.46
CA ARG A 191 -38.07 -10.63 6.69
C ARG A 191 -37.44 -9.26 6.87
N MET A 192 -36.19 -9.23 7.37
CA MET A 192 -35.47 -7.99 7.65
C MET A 192 -34.07 -7.98 7.04
N VAL A 193 -33.53 -6.77 6.78
CA VAL A 193 -32.17 -6.58 6.28
C VAL A 193 -31.25 -6.60 7.51
N LEU A 194 -30.53 -7.70 7.70
CA LEU A 194 -29.68 -7.88 8.88
C LEU A 194 -28.22 -7.50 8.70
N GLY A 195 -27.77 -7.46 7.45
CA GLY A 195 -26.42 -7.07 7.09
C GLY A 195 -26.38 -6.37 5.75
N VAL A 196 -25.24 -5.77 5.44
CA VAL A 196 -25.00 -5.12 4.14
C VAL A 196 -23.74 -5.75 3.55
N ILE A 197 -23.82 -6.14 2.27
CA ILE A 197 -22.72 -6.76 1.54
C ILE A 197 -21.58 -5.76 1.34
N VAL A 198 -20.43 -6.05 1.96
CA VAL A 198 -19.21 -5.24 1.86
C VAL A 198 -18.07 -6.10 1.29
N PRO A 199 -17.00 -5.52 0.70
CA PRO A 199 -15.89 -6.35 0.19
C PRO A 199 -15.33 -7.24 1.27
N GLY A 200 -15.14 -8.51 0.91
CA GLY A 200 -14.61 -9.53 1.81
C GLY A 200 -13.16 -9.82 1.54
N ARG A 201 -12.65 -10.88 2.19
CA ARG A 201 -11.27 -11.34 2.08
C ARG A 201 -11.19 -12.53 1.10
N GLY A 202 -11.72 -12.33 -0.10
CA GLY A 202 -11.80 -13.32 -1.16
C GLY A 202 -13.22 -13.82 -1.39
N CYS A 203 -13.58 -14.05 -2.66
CA CYS A 203 -14.91 -14.51 -3.03
C CYS A 203 -15.10 -16.02 -2.90
N ALA A 204 -16.28 -16.43 -2.38
CA ALA A 204 -16.77 -17.80 -2.19
C ALA A 204 -15.74 -18.91 -1.93
N ILE A 205 -15.05 -18.85 -0.78
CA ILE A 205 -14.07 -19.87 -0.41
C ILE A 205 -14.79 -20.97 0.39
N PRO A 206 -14.73 -22.26 -0.04
CA PRO A 206 -15.41 -23.33 0.74
C PRO A 206 -15.05 -23.28 2.22
N ASN A 207 -16.09 -23.26 3.09
CA ASN A 207 -16.02 -23.19 4.56
C ASN A 207 -15.66 -21.82 5.16
N ARG A 208 -15.43 -20.78 4.31
CA ARG A 208 -15.12 -19.41 4.78
C ARG A 208 -16.39 -18.53 4.83
N PRO A 209 -16.88 -18.18 6.06
CA PRO A 209 -18.11 -17.36 6.14
C PRO A 209 -17.92 -15.89 5.77
N GLY A 210 -18.99 -15.28 5.28
CA GLY A 210 -18.98 -13.89 4.85
C GLY A 210 -19.15 -12.93 6.00
N ILE A 211 -18.39 -11.83 5.98
CA ILE A 211 -18.47 -10.78 6.99
C ILE A 211 -19.29 -9.63 6.40
N PHE A 212 -20.38 -9.31 7.09
CA PHE A 212 -21.32 -8.26 6.69
C PHE A 212 -21.40 -7.23 7.80
N VAL A 213 -21.75 -5.99 7.45
CA VAL A 213 -21.89 -4.94 8.45
C VAL A 213 -23.26 -5.07 9.12
N ARG A 214 -23.27 -5.31 10.45
CA ARG A 214 -24.45 -5.52 11.29
C ARG A 214 -25.35 -4.29 11.32
N VAL A 215 -26.54 -4.40 10.70
CA VAL A 215 -27.55 -3.33 10.59
C VAL A 215 -28.15 -3.01 11.96
N ALA A 216 -28.41 -4.05 12.79
CA ALA A 216 -28.94 -3.89 14.16
C ALA A 216 -28.09 -2.92 14.98
N TYR A 217 -26.76 -2.94 14.79
CA TYR A 217 -25.81 -2.04 15.44
C TYR A 217 -26.01 -0.59 15.03
N TYR A 218 -26.29 -0.34 13.75
CA TYR A 218 -26.47 1.02 13.24
C TYR A 218 -27.93 1.49 13.10
N ALA A 219 -28.89 0.68 13.60
CA ALA A 219 -30.34 0.96 13.56
C ALA A 219 -30.70 2.31 14.19
N LYS A 220 -30.07 2.67 15.32
CA LYS A 220 -30.28 3.96 16.00
C LYS A 220 -29.92 5.14 15.08
N TRP A 221 -28.77 5.05 14.36
CA TRP A 221 -28.32 6.09 13.42
C TRP A 221 -29.22 6.10 12.18
N ILE A 222 -29.67 4.91 11.73
CA ILE A 222 -30.53 4.81 10.55
C ILE A 222 -31.86 5.56 10.78
N HIS A 223 -32.55 5.27 11.89
CA HIS A 223 -33.81 5.93 12.23
C HIS A 223 -33.69 7.44 12.47
N LYS A 224 -32.46 7.91 12.77
CA LYS A 224 -32.16 9.33 12.95
C LYS A 224 -32.23 10.05 11.59
N ILE A 225 -31.72 9.40 10.53
CA ILE A 225 -31.68 9.94 9.16
C ILE A 225 -33.01 9.74 8.38
N ILE A 226 -33.56 8.50 8.39
CA ILE A 226 -34.78 8.14 7.67
C ILE A 226 -36.05 8.84 8.16
N LEU A 227 -36.19 9.03 9.47
CA LEU A 227 -37.35 9.74 10.03
C LEU A 227 -37.11 11.25 9.87
N THR A 228 -37.83 11.84 8.89
CA THR A 228 -37.76 13.26 8.53
C THR A 228 -39.14 13.82 8.13
N LYS B 16 36.29 -6.09 10.20
CA LYS B 16 36.00 -7.39 9.60
C LYS B 16 35.19 -8.27 10.58
N TYR B 17 33.94 -8.63 10.21
CA TYR B 17 33.04 -9.41 11.07
C TYR B 17 32.45 -10.67 10.40
N GLN B 18 32.08 -11.68 11.23
CA GLN B 18 31.44 -12.93 10.80
C GLN B 18 29.94 -12.85 11.17
N LEU B 19 29.13 -12.33 10.22
CA LEU B 19 27.69 -12.10 10.37
C LEU B 19 26.86 -12.99 9.42
N PRO B 20 25.55 -13.28 9.72
CA PRO B 20 24.74 -14.06 8.78
C PRO B 20 24.70 -13.35 7.43
N ASN B 21 25.03 -14.08 6.37
CA ASN B 21 25.13 -13.57 5.00
C ASN B 21 24.56 -14.55 3.98
N PHE B 22 24.12 -14.02 2.83
CA PHE B 22 23.65 -14.80 1.70
C PHE B 22 24.02 -14.11 0.38
N THR B 23 24.57 -14.88 -0.57
CA THR B 23 24.94 -14.38 -1.89
C THR B 23 24.11 -15.02 -3.01
N ALA B 24 23.31 -14.17 -3.67
CA ALA B 24 22.46 -14.53 -4.80
C ALA B 24 23.28 -14.61 -6.10
N GLU B 25 22.78 -15.36 -7.10
CA GLU B 25 23.44 -15.50 -8.40
C GLU B 25 23.33 -14.19 -9.20
N THR B 26 22.26 -13.42 -8.95
CA THR B 26 21.94 -12.16 -9.60
C THR B 26 21.75 -11.03 -8.59
N PRO B 27 21.80 -9.74 -8.98
CA PRO B 27 21.62 -8.65 -7.98
C PRO B 27 20.25 -8.61 -7.31
N ILE B 28 20.23 -8.32 -6.00
CA ILE B 28 18.99 -8.21 -5.22
C ILE B 28 18.45 -6.78 -5.35
N GLN B 29 17.18 -6.65 -5.78
CA GLN B 29 16.50 -5.36 -5.94
C GLN B 29 15.56 -5.09 -4.76
N ASN B 30 14.77 -6.10 -4.34
CA ASN B 30 13.81 -5.96 -3.26
C ASN B 30 13.94 -7.02 -2.16
N VAL B 31 13.55 -6.64 -0.93
CA VAL B 31 13.58 -7.49 0.26
C VAL B 31 12.27 -7.38 1.06
N ILE B 32 11.70 -8.53 1.47
CA ILE B 32 10.48 -8.60 2.26
C ILE B 32 10.58 -9.69 3.33
N LEU B 33 10.15 -9.38 4.56
CA LEU B 33 10.16 -10.34 5.65
C LEU B 33 8.72 -10.68 6.02
N HIS B 34 8.43 -11.98 6.10
CA HIS B 34 7.11 -12.50 6.44
C HIS B 34 7.20 -13.87 7.09
N GLU B 35 6.59 -14.01 8.28
CA GLU B 35 6.53 -15.24 9.08
C GLU B 35 7.89 -15.96 9.22
N HIS B 36 8.92 -15.19 9.65
CA HIS B 36 10.29 -15.65 9.89
C HIS B 36 10.98 -16.17 8.62
N HIS B 37 10.78 -15.48 7.49
CA HIS B 37 11.41 -15.82 6.21
C HIS B 37 11.80 -14.57 5.47
N ILE B 38 12.92 -14.62 4.74
CA ILE B 38 13.41 -13.48 3.96
C ILE B 38 13.16 -13.71 2.48
N PHE B 39 12.33 -12.85 1.90
CA PHE B 39 11.97 -12.92 0.50
C PHE B 39 12.78 -11.90 -0.28
N LEU B 40 13.61 -12.39 -1.20
CA LEU B 40 14.46 -11.53 -1.99
C LEU B 40 13.96 -11.44 -3.42
N GLY B 41 13.69 -10.22 -3.84
CA GLY B 41 13.30 -9.92 -5.21
C GLY B 41 14.58 -9.56 -5.93
N ALA B 42 15.12 -10.53 -6.70
CA ALA B 42 16.37 -10.39 -7.44
C ALA B 42 16.13 -10.58 -8.96
N THR B 43 17.18 -10.36 -9.79
CA THR B 43 17.05 -10.53 -11.25
C THR B 43 16.83 -12.01 -11.57
N ASN B 44 15.73 -12.32 -12.29
CA ASN B 44 15.34 -13.67 -12.73
C ASN B 44 15.02 -14.64 -11.58
N TYR B 45 15.12 -14.19 -10.33
CA TYR B 45 14.88 -15.05 -9.17
C TYR B 45 14.23 -14.38 -7.97
N ILE B 46 13.48 -15.18 -7.22
CA ILE B 46 12.90 -14.84 -5.93
C ILE B 46 13.47 -15.92 -5.04
N TYR B 47 14.19 -15.50 -4.00
CA TYR B 47 14.81 -16.44 -3.07
C TYR B 47 14.07 -16.42 -1.75
N VAL B 48 14.01 -17.58 -1.09
CA VAL B 48 13.41 -17.69 0.23
C VAL B 48 14.54 -18.06 1.19
N LEU B 49 14.80 -17.20 2.17
CA LEU B 49 15.87 -17.41 3.15
C LEU B 49 15.29 -17.61 4.54
N ASN B 50 16.02 -18.34 5.38
CA ASN B 50 15.64 -18.56 6.77
C ASN B 50 15.99 -17.27 7.53
N GLU B 51 15.14 -16.82 8.46
CA GLU B 51 15.36 -15.59 9.22
C GLU B 51 16.59 -15.67 10.16
N GLU B 52 16.77 -16.83 10.84
CA GLU B 52 17.83 -17.09 11.82
C GLU B 52 19.26 -17.03 11.27
N ASP B 53 19.58 -17.85 10.26
CA ASP B 53 20.92 -17.93 9.70
C ASP B 53 21.11 -17.48 8.24
N LEU B 54 20.06 -16.91 7.60
CA LEU B 54 20.04 -16.44 6.21
C LEU B 54 20.31 -17.52 5.16
N GLN B 55 20.10 -18.80 5.56
CA GLN B 55 20.29 -19.99 4.73
C GLN B 55 19.16 -20.06 3.69
N LYS B 56 19.53 -20.34 2.43
CA LYS B 56 18.59 -20.48 1.32
C LYS B 56 17.71 -21.71 1.55
N VAL B 57 16.39 -21.47 1.66
CA VAL B 57 15.40 -22.52 1.90
C VAL B 57 14.74 -22.92 0.58
N ALA B 58 14.53 -21.95 -0.33
CA ALA B 58 13.93 -22.18 -1.66
C ALA B 58 14.27 -21.07 -2.65
N GLU B 59 13.95 -21.30 -3.94
CA GLU B 59 14.10 -20.33 -5.03
C GLU B 59 13.06 -20.53 -6.14
N TYR B 60 12.68 -19.43 -6.80
CA TYR B 60 11.73 -19.42 -7.90
C TYR B 60 12.36 -18.68 -9.09
N LYS B 61 12.48 -19.36 -10.24
CA LYS B 61 13.06 -18.79 -11.44
C LYS B 61 11.99 -17.95 -12.16
N THR B 62 12.15 -16.63 -12.13
CA THR B 62 11.23 -15.68 -12.78
C THR B 62 11.72 -15.27 -14.17
N GLY B 63 12.92 -15.70 -14.54
CA GLY B 63 13.49 -15.36 -15.82
C GLY B 63 14.78 -16.08 -16.20
N PRO B 64 15.37 -15.76 -17.39
CA PRO B 64 14.91 -14.79 -18.40
C PRO B 64 13.58 -15.18 -19.03
N VAL B 65 12.84 -14.19 -19.51
CA VAL B 65 11.53 -14.40 -20.13
C VAL B 65 11.62 -14.04 -21.61
N LEU B 66 11.02 -14.88 -22.47
CA LEU B 66 11.00 -14.61 -23.90
C LEU B 66 9.81 -13.69 -24.22
N GLU B 67 10.12 -12.46 -24.65
CA GLU B 67 9.17 -11.42 -25.03
C GLU B 67 8.79 -11.59 -26.50
N HIS B 68 7.54 -11.26 -26.83
CA HIS B 68 7.03 -11.34 -28.20
C HIS B 68 5.79 -10.44 -28.34
N PRO B 69 5.72 -9.52 -29.35
CA PRO B 69 4.54 -8.66 -29.48
C PRO B 69 3.23 -9.41 -29.71
N ASP B 70 3.30 -10.59 -30.38
CA ASP B 70 2.14 -11.43 -30.64
C ASP B 70 1.76 -12.27 -29.41
N CYS B 71 2.76 -12.77 -28.65
CA CYS B 71 2.54 -13.54 -27.41
C CYS B 71 2.27 -12.56 -26.25
N PHE B 72 0.98 -12.35 -25.92
CA PHE B 72 0.48 -11.43 -24.90
C PHE B 72 0.97 -11.67 -23.44
N PRO B 73 0.81 -10.69 -22.48
CA PRO B 73 1.31 -10.92 -21.11
C PRO B 73 0.67 -12.10 -20.37
N CYS B 74 1.38 -12.62 -19.35
CA CYS B 74 0.99 -13.74 -18.49
C CYS B 74 0.86 -15.14 -19.13
N GLN B 75 1.07 -15.24 -20.47
CA GLN B 75 1.06 -16.53 -21.16
C GLN B 75 2.49 -16.94 -21.48
N ASP B 76 2.89 -18.15 -21.05
CA ASP B 76 4.25 -18.66 -21.25
C ASP B 76 4.51 -19.15 -22.68
N CYS B 77 5.36 -18.40 -23.43
CA CYS B 77 5.74 -18.78 -24.78
C CYS B 77 7.10 -19.50 -24.78
N SER B 78 7.11 -20.70 -24.17
CA SER B 78 8.30 -21.56 -24.08
C SER B 78 8.59 -22.20 -25.44
N SER B 79 7.52 -22.61 -26.17
CA SER B 79 7.59 -23.21 -27.49
C SER B 79 8.09 -22.19 -28.52
N LYS B 80 7.70 -20.91 -28.34
CA LYS B 80 8.06 -19.80 -29.21
C LYS B 80 9.53 -19.34 -29.10
N ALA B 81 10.40 -20.11 -28.39
CA ALA B 81 11.83 -19.81 -28.25
C ALA B 81 12.54 -19.87 -29.62
N ASN B 82 12.00 -20.71 -30.54
CA ASN B 82 12.43 -20.91 -31.92
C ASN B 82 11.46 -20.11 -32.79
N LEU B 83 11.65 -18.77 -32.79
CA LEU B 83 10.78 -17.83 -33.48
C LEU B 83 11.44 -17.15 -34.69
N SER B 84 10.99 -15.92 -34.99
CA SER B 84 11.43 -15.06 -36.08
C SER B 84 11.19 -13.60 -35.67
N GLY B 85 10.75 -13.40 -34.42
CA GLY B 85 10.47 -12.08 -33.85
C GLY B 85 10.38 -12.04 -32.34
N GLY B 86 10.98 -13.05 -31.68
CA GLY B 86 10.99 -13.16 -30.23
C GLY B 86 12.32 -12.77 -29.62
N VAL B 87 12.30 -12.05 -28.48
CA VAL B 87 13.51 -11.58 -27.78
C VAL B 87 13.59 -12.08 -26.32
N TRP B 88 14.81 -12.40 -25.85
CA TRP B 88 15.03 -12.84 -24.47
C TRP B 88 15.32 -11.64 -23.56
N LYS B 89 14.55 -11.49 -22.48
CA LYS B 89 14.72 -10.40 -21.53
C LYS B 89 14.85 -10.86 -20.09
N ASP B 90 15.71 -10.18 -19.31
CA ASP B 90 15.94 -10.46 -17.90
C ASP B 90 14.83 -9.85 -17.06
N ASN B 91 14.33 -10.63 -16.09
CA ASN B 91 13.26 -10.18 -15.20
C ASN B 91 13.81 -9.48 -13.98
N ILE B 92 13.97 -8.16 -14.10
CA ILE B 92 14.44 -7.26 -13.04
C ILE B 92 13.24 -7.00 -12.12
N ASN B 93 13.32 -7.47 -10.87
CA ASN B 93 12.25 -7.30 -9.89
C ASN B 93 12.07 -5.83 -9.52
N MET B 94 10.88 -5.31 -9.81
CA MET B 94 10.57 -3.91 -9.57
C MET B 94 9.75 -3.68 -8.31
N ALA B 95 8.99 -4.71 -7.89
CA ALA B 95 8.12 -4.69 -6.71
C ALA B 95 7.93 -6.07 -6.12
N LEU B 96 7.91 -6.14 -4.78
CA LEU B 96 7.68 -7.35 -4.01
C LEU B 96 6.81 -6.97 -2.80
N VAL B 97 5.66 -7.65 -2.62
CA VAL B 97 4.69 -7.31 -1.56
C VAL B 97 4.08 -8.56 -0.92
N VAL B 98 3.85 -8.53 0.41
CA VAL B 98 3.15 -9.61 1.09
C VAL B 98 1.74 -9.15 1.44
N ASP B 99 0.73 -9.84 0.89
CA ASP B 99 -0.67 -9.60 1.17
C ASP B 99 -1.13 -10.62 2.17
N THR B 100 -1.57 -10.15 3.32
CA THR B 100 -2.06 -10.99 4.40
C THR B 100 -3.58 -10.84 4.60
N TYR B 101 -4.21 -9.86 3.90
CA TYR B 101 -5.65 -9.56 3.92
C TYR B 101 -6.43 -10.71 3.28
N TYR B 102 -6.08 -11.04 2.02
CA TYR B 102 -6.63 -12.21 1.33
C TYR B 102 -5.78 -13.43 1.77
N ASP B 103 -5.99 -14.62 1.19
CA ASP B 103 -5.19 -15.77 1.59
C ASP B 103 -3.70 -15.53 1.33
N ASP B 104 -2.93 -15.38 2.45
CA ASP B 104 -1.49 -15.12 2.55
C ASP B 104 -0.73 -15.44 1.28
N GLN B 105 -0.24 -14.38 0.62
CA GLN B 105 0.46 -14.51 -0.66
C GLN B 105 1.54 -13.45 -0.89
N LEU B 106 2.42 -13.73 -1.87
CA LEU B 106 3.50 -12.84 -2.27
C LEU B 106 3.21 -12.30 -3.66
N ILE B 107 3.17 -10.97 -3.80
CA ILE B 107 2.94 -10.31 -5.08
C ILE B 107 4.30 -9.80 -5.60
N SER B 108 4.65 -10.21 -6.82
CA SER B 108 5.93 -9.81 -7.45
C SER B 108 5.69 -9.20 -8.82
N CYS B 109 6.26 -8.01 -9.05
CA CYS B 109 6.12 -7.29 -10.31
C CYS B 109 7.50 -7.04 -10.91
N GLY B 110 7.71 -7.54 -12.13
CA GLY B 110 8.97 -7.41 -12.85
C GLY B 110 8.88 -6.55 -14.09
N SER B 111 10.04 -6.14 -14.63
CA SER B 111 10.18 -5.29 -15.82
C SER B 111 9.61 -5.95 -17.09
N VAL B 112 9.62 -7.29 -17.15
CA VAL B 112 9.13 -8.09 -18.26
C VAL B 112 7.58 -8.16 -18.34
N ASN B 113 7.05 -8.46 -19.55
CA ASN B 113 5.61 -8.57 -19.88
C ASN B 113 4.81 -7.32 -19.55
N ARG B 114 5.34 -6.16 -20.00
CA ARG B 114 4.78 -4.82 -19.82
C ARG B 114 4.49 -4.44 -18.35
N GLY B 115 5.34 -4.95 -17.46
CA GLY B 115 5.25 -4.69 -16.03
C GLY B 115 4.06 -5.31 -15.35
N THR B 116 3.81 -6.59 -15.66
CA THR B 116 2.72 -7.37 -15.11
C THR B 116 3.13 -7.89 -13.72
N CYS B 117 2.14 -8.29 -12.91
CA CYS B 117 2.39 -8.82 -11.57
C CYS B 117 1.90 -10.25 -11.46
N GLN B 118 2.42 -10.97 -10.46
CA GLN B 118 2.03 -12.35 -10.20
C GLN B 118 1.98 -12.63 -8.71
N ARG B 119 0.93 -13.33 -8.29
CA ARG B 119 0.69 -13.71 -6.90
C ARG B 119 1.14 -15.14 -6.60
N HIS B 120 1.94 -15.31 -5.54
CA HIS B 120 2.47 -16.60 -5.11
C HIS B 120 1.72 -16.97 -3.83
N VAL B 121 0.69 -17.81 -3.96
CA VAL B 121 -0.13 -18.22 -2.81
C VAL B 121 0.62 -19.23 -1.94
N PHE B 122 0.71 -18.95 -0.63
CA PHE B 122 1.41 -19.82 0.32
C PHE B 122 0.50 -20.96 0.79
N PRO B 123 0.94 -22.24 0.69
CA PRO B 123 0.12 -23.34 1.23
C PRO B 123 0.07 -23.23 2.75
N HIS B 124 -1.11 -23.48 3.36
CA HIS B 124 -1.42 -23.34 4.78
C HIS B 124 -0.30 -23.32 5.82
N ASN B 125 0.67 -24.27 5.76
CA ASN B 125 1.79 -24.28 6.71
C ASN B 125 3.14 -24.53 6.02
N HIS B 126 3.47 -23.67 5.03
CA HIS B 126 4.69 -23.76 4.24
C HIS B 126 5.00 -22.41 3.56
N THR B 127 5.53 -21.45 4.35
CA THR B 127 5.89 -20.10 3.88
C THR B 127 6.98 -20.15 2.80
N ALA B 128 7.85 -21.17 2.86
CA ALA B 128 8.96 -21.40 1.92
C ALA B 128 8.47 -21.82 0.54
N ASP B 129 7.24 -22.36 0.44
CA ASP B 129 6.67 -22.80 -0.83
C ASP B 129 6.09 -21.62 -1.57
N ILE B 130 6.82 -21.21 -2.61
CA ILE B 130 6.52 -20.09 -3.48
C ILE B 130 6.42 -20.62 -4.93
N GLN B 131 6.42 -21.96 -5.07
CA GLN B 131 6.39 -22.71 -6.32
C GLN B 131 5.02 -23.39 -6.62
N SER B 132 4.40 -23.99 -5.59
CA SER B 132 3.14 -24.74 -5.68
C SER B 132 1.93 -24.01 -6.28
N GLU B 133 1.66 -22.78 -5.84
CA GLU B 133 0.50 -22.03 -6.33
C GLU B 133 0.89 -20.62 -6.78
N VAL B 134 1.06 -20.43 -8.10
CA VAL B 134 1.41 -19.15 -8.69
C VAL B 134 0.34 -18.74 -9.71
N HIS B 135 -0.29 -17.58 -9.49
CA HIS B 135 -1.31 -17.02 -10.37
C HIS B 135 -0.83 -15.70 -10.94
N CYS B 136 -1.05 -15.52 -12.23
CA CYS B 136 -0.64 -14.30 -12.91
C CYS B 136 -1.78 -13.29 -12.90
N ILE B 137 -1.50 -12.06 -12.44
CA ILE B 137 -2.52 -11.01 -12.34
C ILE B 137 -2.66 -10.27 -13.67
N PHE B 138 -3.52 -10.81 -14.55
CA PHE B 138 -3.83 -10.26 -15.87
C PHE B 138 -5.19 -10.75 -16.33
N SER B 139 -6.08 -9.81 -16.64
CA SER B 139 -7.42 -10.08 -17.16
C SER B 139 -7.55 -9.41 -18.53
N PRO B 140 -8.04 -10.12 -19.59
CA PRO B 140 -8.14 -9.48 -20.91
C PRO B 140 -9.22 -8.40 -20.96
N GLN B 141 -8.84 -7.18 -21.33
CA GLN B 141 -9.75 -6.03 -21.39
C GLN B 141 -10.71 -6.09 -22.58
N ILE B 142 -12.00 -5.82 -22.30
CA ILE B 142 -13.09 -5.83 -23.29
C ILE B 142 -13.88 -4.51 -23.27
N GLU B 143 -14.08 -3.92 -22.07
CA GLU B 143 -14.80 -2.66 -21.84
C GLU B 143 -14.10 -1.46 -22.48
N GLU B 144 -12.80 -1.28 -22.18
CA GLU B 144 -11.95 -0.21 -22.70
C GLU B 144 -10.52 -0.73 -22.93
N PRO B 145 -10.23 -1.42 -24.07
CA PRO B 145 -8.87 -1.96 -24.29
C PRO B 145 -7.74 -0.93 -24.38
N SER B 146 -8.08 0.38 -24.48
CA SER B 146 -7.11 1.49 -24.53
C SER B 146 -6.33 1.64 -23.20
N GLN B 147 -6.92 1.13 -22.09
CA GLN B 147 -6.35 1.15 -20.74
C GLN B 147 -5.82 -0.24 -20.35
N CYS B 148 -4.65 -0.28 -19.67
CA CYS B 148 -4.04 -1.52 -19.19
C CYS B 148 -3.83 -1.45 -17.68
N PRO B 149 -4.83 -1.84 -16.85
CA PRO B 149 -4.64 -1.78 -15.39
C PRO B 149 -3.72 -2.87 -14.84
N ASP B 150 -3.47 -3.92 -15.64
CA ASP B 150 -2.59 -5.02 -15.24
C ASP B 150 -1.14 -4.72 -15.63
N CYS B 151 -0.93 -3.67 -16.45
CA CYS B 151 0.37 -3.14 -16.83
C CYS B 151 0.64 -2.16 -15.69
N VAL B 152 1.30 -2.67 -14.64
CA VAL B 152 1.54 -1.97 -13.37
C VAL B 152 2.85 -1.20 -13.30
N VAL B 153 3.95 -1.91 -13.49
CA VAL B 153 5.33 -1.48 -13.28
C VAL B 153 6.14 -1.07 -14.54
N SER B 154 7.00 -0.05 -14.40
CA SER B 154 7.87 0.43 -15.48
C SER B 154 9.27 -0.18 -15.31
N ALA B 155 10.00 -0.35 -16.43
CA ALA B 155 11.36 -0.91 -16.42
C ALA B 155 12.42 0.13 -16.04
N LEU B 156 12.16 1.42 -16.36
CA LEU B 156 13.08 2.53 -16.08
C LEU B 156 13.12 2.95 -14.60
N GLY B 157 12.14 2.49 -13.83
CA GLY B 157 12.02 2.82 -12.41
C GLY B 157 10.57 2.80 -11.96
N ALA B 158 10.31 2.13 -10.83
CA ALA B 158 8.96 1.97 -10.28
C ALA B 158 8.95 1.77 -8.76
N LYS B 159 8.07 2.51 -8.07
CA LYS B 159 7.85 2.40 -6.62
C LYS B 159 6.41 1.96 -6.36
N VAL B 160 6.25 0.86 -5.62
CA VAL B 160 4.92 0.30 -5.34
C VAL B 160 4.63 0.32 -3.87
N LEU B 161 3.48 0.86 -3.51
CA LEU B 161 3.01 0.90 -2.13
C LEU B 161 1.62 0.31 -2.12
N SER B 162 1.44 -0.79 -1.37
CA SER B 162 0.13 -1.42 -1.26
C SER B 162 -0.48 -1.18 0.11
N SER B 163 -1.82 -1.08 0.18
CA SER B 163 -2.54 -0.86 1.44
C SER B 163 -3.99 -1.26 1.35
N VAL B 164 -4.52 -1.81 2.45
CA VAL B 164 -5.92 -2.18 2.54
C VAL B 164 -6.69 -0.89 2.84
N LYS B 165 -7.46 -0.43 1.87
CA LYS B 165 -8.25 0.78 1.98
C LYS B 165 -9.64 0.50 1.45
N ASP B 166 -10.66 0.80 2.29
CA ASP B 166 -12.10 0.60 2.04
C ASP B 166 -12.38 -0.89 1.75
N ARG B 167 -11.76 -1.80 2.54
CA ARG B 167 -11.88 -3.27 2.45
C ARG B 167 -11.28 -3.88 1.16
N PHE B 168 -10.51 -3.07 0.40
CA PHE B 168 -9.86 -3.46 -0.85
C PHE B 168 -8.36 -3.23 -0.77
N ILE B 169 -7.58 -4.06 -1.47
CA ILE B 169 -6.12 -3.88 -1.54
C ILE B 169 -5.84 -2.90 -2.68
N ASN B 170 -5.30 -1.73 -2.31
CA ASN B 170 -4.96 -0.64 -3.22
C ASN B 170 -3.48 -0.65 -3.54
N PHE B 171 -3.13 -0.25 -4.75
CA PHE B 171 -1.76 -0.21 -5.22
C PHE B 171 -1.41 1.20 -5.71
N PHE B 172 -0.57 1.89 -4.94
CA PHE B 172 -0.09 3.23 -5.24
C PHE B 172 1.25 3.04 -5.94
N VAL B 173 1.25 3.23 -7.25
CA VAL B 173 2.40 3.01 -8.12
C VAL B 173 2.94 4.31 -8.74
N GLY B 174 4.23 4.56 -8.50
CA GLY B 174 4.97 5.66 -9.08
C GLY B 174 5.90 5.10 -10.15
N ASN B 175 5.68 5.48 -11.44
CA ASN B 175 6.47 5.00 -12.57
C ASN B 175 7.29 6.06 -13.34
N THR B 176 8.53 5.70 -13.71
CA THR B 176 9.43 6.52 -14.53
C THR B 176 9.03 6.28 -15.99
N ILE B 177 8.94 7.35 -16.79
CA ILE B 177 8.49 7.26 -18.19
C ILE B 177 9.37 8.06 -19.18
N ASN B 178 9.48 7.54 -20.42
CA ASN B 178 10.14 8.19 -21.56
C ASN B 178 9.15 8.13 -22.75
N SER B 179 9.47 8.82 -23.87
CA SER B 179 8.62 8.88 -25.07
C SER B 179 8.35 7.54 -25.79
N SER B 180 8.78 6.40 -25.21
CA SER B 180 8.56 5.07 -25.81
C SER B 180 7.07 4.69 -25.82
N TYR B 181 6.41 4.94 -26.97
CA TYR B 181 4.99 4.70 -27.21
C TYR B 181 4.65 3.21 -27.31
N PHE B 182 3.59 2.80 -26.58
CA PHE B 182 3.11 1.43 -26.57
C PHE B 182 1.60 1.40 -26.81
N PRO B 183 1.13 0.79 -27.93
CA PRO B 183 -0.32 0.75 -28.18
C PRO B 183 -1.04 -0.31 -27.34
N ASP B 184 -2.27 0.02 -26.85
CA ASP B 184 -3.14 -0.83 -26.01
C ASP B 184 -2.61 -1.17 -24.61
N HIS B 185 -1.29 -1.02 -24.37
CA HIS B 185 -0.64 -1.31 -23.09
C HIS B 185 0.25 -0.14 -22.58
N PRO B 186 -0.29 1.07 -22.25
CA PRO B 186 0.58 2.16 -21.78
C PRO B 186 0.79 2.17 -20.25
N LEU B 187 1.68 3.06 -19.75
CA LEU B 187 1.96 3.19 -18.32
C LEU B 187 1.76 4.61 -17.77
N HIS B 188 1.24 4.69 -16.53
CA HIS B 188 0.93 5.93 -15.81
C HIS B 188 2.06 6.33 -14.87
N SER B 189 2.24 7.66 -14.62
CA SER B 189 3.27 8.21 -13.74
C SER B 189 2.94 7.95 -12.25
N ILE B 190 1.87 8.57 -11.74
CA ILE B 190 1.42 8.34 -10.35
C ILE B 190 -0.02 7.85 -10.49
N SER B 191 -0.34 6.68 -9.91
CA SER B 191 -1.67 6.11 -10.02
C SER B 191 -2.10 5.25 -8.83
N VAL B 192 -3.40 4.92 -8.79
CA VAL B 192 -4.05 4.07 -7.80
C VAL B 192 -5.00 3.10 -8.48
N ARG B 193 -4.81 1.82 -8.20
CA ARG B 193 -5.64 0.74 -8.72
C ARG B 193 -5.94 -0.23 -7.59
N ARG B 194 -7.08 -0.91 -7.67
CA ARG B 194 -7.44 -1.91 -6.68
C ARG B 194 -7.53 -3.28 -7.28
N LEU B 195 -7.18 -4.28 -6.48
CA LEU B 195 -7.31 -5.68 -6.88
C LEU B 195 -8.82 -6.03 -6.84
N LYS B 196 -9.31 -6.75 -7.86
CA LYS B 196 -10.69 -7.22 -7.86
C LYS B 196 -10.73 -8.34 -6.80
N GLU B 197 -11.81 -8.45 -6.00
CA GLU B 197 -11.93 -9.47 -4.94
C GLU B 197 -11.78 -10.91 -5.48
N THR B 198 -11.91 -11.07 -6.81
CA THR B 198 -11.75 -12.33 -7.57
C THR B 198 -10.26 -12.68 -7.68
N LYS B 199 -9.38 -11.67 -7.39
CA LYS B 199 -7.91 -11.71 -7.42
C LYS B 199 -7.34 -11.80 -8.86
N ASP B 200 -8.24 -11.87 -9.86
CA ASP B 200 -7.93 -12.03 -11.28
C ASP B 200 -7.31 -10.82 -11.99
N GLY B 201 -7.45 -9.62 -11.41
CA GLY B 201 -6.90 -8.41 -12.00
C GLY B 201 -7.17 -7.11 -11.27
N PHE B 202 -6.46 -6.04 -11.70
CA PHE B 202 -6.58 -4.68 -11.18
C PHE B 202 -7.57 -3.89 -12.03
N MET B 203 -8.01 -2.72 -11.51
CA MET B 203 -8.93 -1.82 -12.21
C MET B 203 -8.85 -0.39 -11.69
N PHE B 204 -8.89 0.59 -12.61
CA PHE B 204 -8.92 2.01 -12.27
C PHE B 204 -10.38 2.39 -12.09
N LEU B 205 -10.69 3.18 -11.06
CA LEU B 205 -12.05 3.58 -10.77
C LEU B 205 -12.58 4.72 -11.61
N THR B 206 -11.82 5.82 -11.72
CA THR B 206 -12.19 7.00 -12.53
C THR B 206 -11.01 7.45 -13.38
N ASP B 207 -11.12 8.66 -13.97
CA ASP B 207 -10.09 9.31 -14.78
C ASP B 207 -9.12 10.07 -13.86
N GLN B 208 -9.52 10.26 -12.59
CA GLN B 208 -8.73 10.93 -11.56
C GLN B 208 -7.91 9.91 -10.73
N SER B 209 -7.85 8.65 -11.20
CA SER B 209 -7.11 7.54 -10.59
C SER B 209 -5.64 7.55 -11.00
N TYR B 210 -5.26 8.45 -11.92
CA TYR B 210 -3.90 8.62 -12.46
C TYR B 210 -3.57 10.07 -12.80
N ILE B 211 -2.31 10.48 -12.57
CA ILE B 211 -1.79 11.82 -12.88
C ILE B 211 -0.49 11.62 -13.66
N ASP B 212 -0.58 11.75 -15.01
CA ASP B 212 0.53 11.53 -15.95
C ASP B 212 1.14 12.81 -16.49
N VAL B 213 2.42 12.70 -16.90
CA VAL B 213 3.20 13.78 -17.52
C VAL B 213 2.69 13.92 -18.95
N LEU B 214 2.45 15.17 -19.40
CA LEU B 214 1.96 15.47 -20.76
C LEU B 214 2.90 14.86 -21.82
N PRO B 215 2.36 14.20 -22.87
CA PRO B 215 3.24 13.59 -23.90
C PRO B 215 4.43 14.45 -24.37
N GLU B 216 4.25 15.78 -24.39
CA GLU B 216 5.25 16.78 -24.79
C GLU B 216 6.46 16.80 -23.86
N PHE B 217 6.27 16.47 -22.56
CA PHE B 217 7.32 16.50 -21.54
C PHE B 217 7.76 15.12 -21.02
N ARG B 218 7.26 14.02 -21.63
CA ARG B 218 7.62 12.66 -21.19
C ARG B 218 9.11 12.34 -21.17
N ASP B 219 9.86 12.84 -22.18
CA ASP B 219 11.29 12.61 -22.26
C ASP B 219 12.11 13.76 -21.67
N SER B 220 11.62 15.01 -21.79
CA SER B 220 12.30 16.20 -21.28
C SER B 220 12.19 16.35 -19.76
N TYR B 221 11.09 15.82 -19.17
CA TYR B 221 10.82 15.91 -17.73
C TYR B 221 10.78 14.51 -17.09
N PRO B 222 11.95 13.91 -16.75
CA PRO B 222 11.92 12.58 -16.10
C PRO B 222 11.62 12.69 -14.60
N ILE B 223 10.88 11.71 -14.06
CA ILE B 223 10.54 11.69 -12.64
C ILE B 223 11.03 10.39 -11.98
N LYS B 224 11.78 10.51 -10.86
CA LYS B 224 12.28 9.36 -10.11
C LYS B 224 11.55 9.24 -8.77
N TYR B 225 10.96 8.06 -8.51
CA TYR B 225 10.23 7.78 -7.29
C TYR B 225 11.16 7.01 -6.35
N VAL B 226 11.71 7.73 -5.38
CA VAL B 226 12.70 7.28 -4.40
C VAL B 226 12.09 6.54 -3.19
N HIS B 227 10.93 7.02 -2.69
CA HIS B 227 10.25 6.41 -1.53
C HIS B 227 8.75 6.68 -1.52
N ALA B 228 7.99 5.79 -0.86
CA ALA B 228 6.53 5.90 -0.75
C ALA B 228 6.07 5.32 0.57
N PHE B 229 5.18 6.04 1.27
CA PHE B 229 4.64 5.64 2.56
C PHE B 229 3.23 6.15 2.84
N GLU B 230 2.57 5.50 3.81
CA GLU B 230 1.22 5.80 4.25
C GLU B 230 1.26 6.25 5.72
N SER B 231 0.85 7.49 6.00
CA SER B 231 0.82 8.01 7.37
C SER B 231 -0.36 8.95 7.57
N ASN B 232 -1.15 8.71 8.65
CA ASN B 232 -2.35 9.47 9.03
C ASN B 232 -3.39 9.54 7.92
N ASN B 233 -3.65 8.38 7.28
CA ASN B 233 -4.59 8.22 6.17
C ASN B 233 -4.23 9.05 4.91
N PHE B 234 -2.96 9.49 4.82
CA PHE B 234 -2.45 10.22 3.67
C PHE B 234 -1.42 9.35 2.97
N ILE B 235 -1.35 9.45 1.64
CA ILE B 235 -0.36 8.70 0.88
C ILE B 235 0.72 9.68 0.46
N TYR B 236 1.98 9.38 0.82
CA TYR B 236 3.13 10.21 0.50
C TYR B 236 4.06 9.53 -0.48
N PHE B 237 4.55 10.28 -1.47
CA PHE B 237 5.52 9.81 -2.45
C PHE B 237 6.68 10.81 -2.47
N LEU B 238 7.92 10.29 -2.48
CA LEU B 238 9.13 11.11 -2.49
C LEU B 238 9.77 11.05 -3.83
N THR B 239 9.87 12.22 -4.46
CA THR B 239 10.30 12.38 -5.85
C THR B 239 11.60 13.14 -6.11
N VAL B 240 12.27 12.82 -7.23
CA VAL B 240 13.42 13.54 -7.76
C VAL B 240 13.06 13.91 -9.20
N GLN B 241 12.78 15.21 -9.42
CA GLN B 241 12.35 15.80 -10.69
C GLN B 241 12.91 17.23 -10.89
N ARG B 242 12.83 17.80 -12.11
CA ARG B 242 13.30 19.15 -12.39
C ARG B 242 12.51 20.22 -11.63
N GLU B 243 13.16 21.33 -11.25
CA GLU B 243 12.56 22.45 -10.49
C GLU B 243 11.34 23.06 -11.18
N THR B 244 11.41 23.15 -12.52
CA THR B 244 10.40 23.66 -13.45
C THR B 244 10.54 22.83 -14.74
N LEU B 245 9.54 22.90 -15.63
CA LEU B 245 9.52 22.21 -16.92
C LEU B 245 10.72 22.62 -17.80
N ASP B 246 11.04 23.93 -17.79
CA ASP B 246 12.14 24.55 -18.53
C ASP B 246 13.45 24.69 -17.74
N ALA B 247 13.44 24.33 -16.43
CA ALA B 247 14.63 24.40 -15.58
C ALA B 247 15.71 23.38 -15.96
N GLN B 248 16.97 23.74 -15.76
CA GLN B 248 18.14 22.90 -16.07
C GLN B 248 18.62 22.13 -14.84
N THR B 249 18.15 22.52 -13.64
CA THR B 249 18.50 21.92 -12.36
C THR B 249 17.45 20.92 -11.82
N PHE B 250 17.87 20.05 -10.87
CA PHE B 250 17.00 19.04 -10.25
C PHE B 250 16.55 19.39 -8.83
N HIS B 251 15.46 18.76 -8.39
CA HIS B 251 14.75 19.02 -7.14
C HIS B 251 14.27 17.73 -6.46
N THR B 252 14.00 17.81 -5.15
CA THR B 252 13.37 16.75 -4.38
C THR B 252 12.00 17.29 -3.96
N ARG B 253 10.95 16.53 -4.23
CA ARG B 253 9.58 16.89 -3.90
C ARG B 253 8.88 15.84 -3.06
N ILE B 254 7.96 16.29 -2.20
CA ILE B 254 7.11 15.42 -1.40
C ILE B 254 5.74 15.48 -2.06
N ILE B 255 5.19 14.31 -2.41
CA ILE B 255 3.88 14.21 -3.04
C ILE B 255 2.90 13.76 -1.97
N ARG B 256 1.71 14.39 -1.90
CA ARG B 256 0.69 14.00 -0.91
C ARG B 256 -0.70 13.98 -1.53
N PHE B 257 -1.47 12.92 -1.23
CA PHE B 257 -2.84 12.73 -1.71
C PHE B 257 -3.72 11.92 -0.76
N CYS B 258 -5.06 12.12 -0.88
CA CYS B 258 -6.13 11.49 -0.10
C CYS B 258 -6.16 10.00 -0.36
N SER B 259 -6.11 9.20 0.72
CA SER B 259 -6.15 7.74 0.64
C SER B 259 -7.57 7.21 0.33
N ILE B 260 -8.06 7.55 -0.87
CA ILE B 260 -9.36 7.10 -1.36
C ILE B 260 -9.09 6.11 -2.50
N ASN B 261 -9.88 5.03 -2.57
CA ASN B 261 -9.78 4.00 -3.61
C ASN B 261 -10.20 4.56 -4.96
N SER B 262 -11.26 5.40 -4.96
CA SER B 262 -11.86 6.05 -6.13
C SER B 262 -10.91 6.83 -7.04
N GLY B 263 -9.75 7.23 -6.51
CA GLY B 263 -8.75 7.98 -7.25
C GLY B 263 -7.77 8.73 -6.38
N LEU B 264 -7.04 9.68 -6.99
CA LEU B 264 -6.04 10.50 -6.33
C LEU B 264 -6.64 11.87 -6.02
N HIS B 265 -7.10 12.06 -4.78
CA HIS B 265 -7.72 13.32 -4.35
C HIS B 265 -6.76 14.14 -3.51
N SER B 266 -6.91 15.49 -3.55
CA SER B 266 -6.08 16.48 -2.84
C SER B 266 -4.58 16.32 -3.12
N TYR B 267 -4.25 16.14 -4.40
CA TYR B 267 -2.88 15.96 -4.88
C TYR B 267 -2.13 17.29 -4.87
N MET B 268 -1.16 17.43 -3.95
CA MET B 268 -0.31 18.62 -3.85
C MET B 268 1.14 18.18 -3.69
N GLU B 269 2.03 18.83 -4.42
CA GLU B 269 3.45 18.54 -4.30
C GLU B 269 4.30 19.75 -3.91
N MET B 270 4.97 19.63 -2.76
CA MET B 270 5.85 20.67 -2.25
C MET B 270 7.31 20.22 -2.19
N PRO B 271 8.27 21.13 -2.47
CA PRO B 271 9.69 20.73 -2.45
C PRO B 271 10.24 20.51 -1.06
N LEU B 272 11.34 19.75 -0.97
CA LEU B 272 12.07 19.45 0.25
C LEU B 272 13.52 19.85 0.08
N GLU B 273 14.11 20.44 1.13
CA GLU B 273 15.50 20.88 1.15
C GLU B 273 16.21 20.51 2.44
N CYS B 274 17.45 20.01 2.32
CA CYS B 274 18.30 19.72 3.46
C CYS B 274 19.44 20.71 3.38
N ILE B 275 19.37 21.75 4.20
CA ILE B 275 20.36 22.81 4.19
C ILE B 275 21.46 22.65 5.24
N LEU B 276 22.63 23.25 4.96
CA LEU B 276 23.78 23.25 5.84
C LEU B 276 24.23 24.70 6.06
N THR B 277 24.40 25.07 7.34
CA THR B 277 24.82 26.42 7.76
C THR B 277 26.27 26.69 7.36
N LYS B 287 24.49 28.80 3.91
CA LYS B 287 23.45 28.11 3.15
C LYS B 287 24.05 27.16 2.11
N GLU B 288 23.83 25.84 2.29
CA GLU B 288 24.29 24.80 1.37
C GLU B 288 23.13 23.84 1.15
N VAL B 289 22.66 23.71 -0.10
CA VAL B 289 21.49 22.89 -0.46
C VAL B 289 21.83 21.48 -0.96
N PHE B 290 21.35 20.47 -0.23
CA PHE B 290 21.49 19.05 -0.57
C PHE B 290 20.16 18.65 -1.20
N ASN B 291 20.00 19.09 -2.45
CA ASN B 291 18.80 18.98 -3.26
C ASN B 291 18.35 17.60 -3.73
N ILE B 292 19.21 16.57 -3.66
CA ILE B 292 18.82 15.25 -4.17
C ILE B 292 18.78 14.11 -3.14
N LEU B 293 17.55 13.64 -2.84
CA LEU B 293 17.28 12.56 -1.89
C LEU B 293 17.73 11.22 -2.46
N GLN B 294 18.51 10.47 -1.66
CA GLN B 294 19.05 9.18 -2.06
C GLN B 294 18.26 8.01 -1.48
N ALA B 295 17.79 8.17 -0.23
CA ALA B 295 17.03 7.17 0.51
C ALA B 295 16.24 7.83 1.63
N ALA B 296 15.10 7.22 1.99
CA ALA B 296 14.23 7.70 3.06
C ALA B 296 13.71 6.56 3.92
N TYR B 297 13.47 6.84 5.21
CA TYR B 297 12.94 5.89 6.19
C TYR B 297 12.04 6.61 7.17
N VAL B 298 10.81 6.13 7.31
CA VAL B 298 9.81 6.69 8.23
C VAL B 298 9.76 5.83 9.50
N SER B 299 9.94 6.48 10.67
CA SER B 299 9.86 5.86 11.98
C SER B 299 9.55 6.88 13.08
N LYS B 300 9.25 6.36 14.28
CA LYS B 300 8.97 7.12 15.49
C LYS B 300 10.29 7.71 16.04
N PRO B 301 10.28 8.80 16.86
CA PRO B 301 11.55 9.31 17.38
C PRO B 301 11.90 8.73 18.75
N GLY B 302 13.17 8.88 19.13
CA GLY B 302 13.64 8.49 20.45
C GLY B 302 13.36 9.64 21.39
N ALA B 303 13.15 9.34 22.69
CA ALA B 303 12.84 10.32 23.75
C ALA B 303 13.66 11.62 23.67
N GLN B 304 15.00 11.51 23.55
CA GLN B 304 15.94 12.62 23.42
C GLN B 304 15.62 13.50 22.20
N LEU B 305 15.58 12.88 20.99
CA LEU B 305 15.29 13.54 19.72
C LEU B 305 13.88 14.13 19.62
N ALA B 306 12.86 13.40 20.16
CA ALA B 306 11.46 13.82 20.19
C ALA B 306 11.36 15.23 20.78
N ARG B 307 11.95 15.40 21.97
CA ARG B 307 12.05 16.64 22.74
C ARG B 307 12.85 17.69 21.96
N GLN B 308 13.97 17.29 21.33
CA GLN B 308 14.85 18.16 20.56
C GLN B 308 14.19 18.89 19.37
N ILE B 309 13.36 18.17 18.58
CA ILE B 309 12.70 18.74 17.39
C ILE B 309 11.21 19.11 17.56
N GLY B 310 10.72 19.05 18.79
CA GLY B 310 9.33 19.36 19.12
C GLY B 310 8.37 18.35 18.54
N ALA B 311 8.47 17.08 19.02
CA ALA B 311 7.64 15.97 18.56
C ALA B 311 7.26 15.03 19.69
N SER B 312 6.10 14.37 19.56
CA SER B 312 5.60 13.38 20.51
C SER B 312 6.35 12.06 20.26
N LEU B 313 6.22 11.11 21.20
CA LEU B 313 6.85 9.79 21.08
C LEU B 313 6.13 8.92 20.04
N ASN B 314 4.88 9.27 19.71
CA ASN B 314 4.04 8.57 18.75
C ASN B 314 3.98 9.31 17.39
N ASP B 315 4.88 10.27 17.17
CA ASP B 315 4.94 11.04 15.93
C ASP B 315 5.77 10.32 14.86
N ASP B 316 5.31 10.31 13.61
CA ASP B 316 6.05 9.73 12.49
C ASP B 316 7.02 10.77 11.95
N ILE B 317 8.28 10.38 11.75
CA ILE B 317 9.29 11.29 11.23
C ILE B 317 9.91 10.71 9.97
N LEU B 318 9.90 11.51 8.90
CA LEU B 318 10.53 11.14 7.65
C LEU B 318 12.01 11.49 7.75
N PHE B 319 12.86 10.47 7.79
CA PHE B 319 14.31 10.63 7.85
C PHE B 319 14.83 10.50 6.44
N GLY B 320 15.25 11.63 5.86
CA GLY B 320 15.74 11.68 4.50
C GLY B 320 17.24 11.88 4.36
N VAL B 321 17.88 11.00 3.56
CA VAL B 321 19.30 11.07 3.25
C VAL B 321 19.42 11.81 1.90
N PHE B 322 19.99 13.03 1.95
CA PHE B 322 20.11 13.95 0.82
C PHE B 322 21.55 14.14 0.38
N ALA B 323 21.74 14.56 -0.89
CA ALA B 323 23.06 14.77 -1.48
C ALA B 323 23.09 15.95 -2.44
N GLN B 324 24.23 16.66 -2.49
CA GLN B 324 24.50 17.80 -3.37
C GLN B 324 24.57 17.31 -4.82
N SER B 325 23.99 18.08 -5.75
CA SER B 325 23.91 17.73 -7.16
C SER B 325 25.12 18.20 -7.98
N LYS B 326 25.45 17.45 -9.07
CA LYS B 326 26.48 17.85 -10.03
C LYS B 326 25.81 18.98 -10.81
N PRO B 327 26.42 20.20 -10.90
CA PRO B 327 25.75 21.32 -11.58
C PRO B 327 24.95 20.98 -12.86
N ASP B 328 23.65 21.38 -12.88
CA ASP B 328 22.70 21.16 -13.98
C ASP B 328 22.31 19.70 -14.27
N SER B 329 22.61 18.77 -13.36
CA SER B 329 22.26 17.35 -13.52
C SER B 329 21.49 16.76 -12.32
N ALA B 330 21.15 15.46 -12.39
CA ALA B 330 20.43 14.72 -11.34
C ALA B 330 21.33 13.77 -10.56
N GLU B 331 22.49 13.40 -11.13
CA GLU B 331 23.47 12.51 -10.48
C GLU B 331 24.16 13.20 -9.27
N PRO B 332 24.43 12.48 -8.16
CA PRO B 332 25.00 13.14 -6.98
C PRO B 332 26.51 13.38 -7.01
N MET B 333 26.97 14.33 -6.17
CA MET B 333 28.35 14.80 -6.04
C MET B 333 29.21 14.18 -4.94
N ASP B 334 28.70 13.13 -4.25
CA ASP B 334 29.41 12.46 -3.13
C ASP B 334 29.58 13.38 -1.92
N ARG B 335 28.56 14.22 -1.67
CA ARG B 335 28.46 15.15 -0.55
C ARG B 335 27.05 14.96 -0.01
N SER B 336 26.92 14.37 1.20
CA SER B 336 25.61 14.09 1.79
C SER B 336 25.26 14.85 3.06
N ALA B 337 23.96 14.83 3.40
CA ALA B 337 23.37 15.44 4.58
C ALA B 337 22.08 14.69 4.91
N MET B 338 21.73 14.61 6.19
CA MET B 338 20.52 13.93 6.62
C MET B 338 19.69 14.79 7.55
N CYS B 339 18.44 15.06 7.18
CA CYS B 339 17.54 15.83 8.04
C CYS B 339 16.14 15.23 8.13
N ALA B 340 15.57 15.36 9.35
CA ALA B 340 14.29 14.83 9.76
C ALA B 340 13.12 15.78 9.51
N PHE B 341 12.08 15.27 8.83
CA PHE B 341 10.86 16.00 8.51
C PHE B 341 9.67 15.33 9.24
N PRO B 342 9.21 15.83 10.43
CA PRO B 342 8.07 15.18 11.08
C PRO B 342 6.82 15.38 10.25
N ILE B 343 6.13 14.28 9.90
CA ILE B 343 4.94 14.32 9.03
C ILE B 343 3.83 15.30 9.47
N LYS B 344 3.75 15.55 10.80
CA LYS B 344 2.84 16.50 11.44
C LYS B 344 3.16 17.90 10.92
N TYR B 345 4.46 18.27 10.95
CA TYR B 345 4.96 19.56 10.46
C TYR B 345 4.94 19.66 8.94
N VAL B 346 4.99 18.51 8.25
CA VAL B 346 4.92 18.40 6.78
C VAL B 346 3.50 18.80 6.36
N ASN B 347 2.48 18.24 7.04
CA ASN B 347 1.08 18.52 6.81
C ASN B 347 0.71 19.96 7.15
N ASP B 348 1.36 20.53 8.20
CA ASP B 348 1.20 21.91 8.63
C ASP B 348 1.52 22.86 7.47
N PHE B 349 2.61 22.56 6.73
CA PHE B 349 3.07 23.33 5.56
C PHE B 349 2.12 23.20 4.37
N PHE B 350 1.46 22.03 4.21
CA PHE B 350 0.50 21.79 3.13
C PHE B 350 -0.80 22.58 3.35
N ASN B 351 -1.21 22.71 4.63
CA ASN B 351 -2.41 23.41 5.06
C ASN B 351 -2.22 24.93 5.01
N LYS B 352 -0.98 25.41 5.26
CA LYS B 352 -0.61 26.82 5.25
C LYS B 352 -0.68 27.43 3.84
N ILE B 353 -1.35 28.59 3.71
CA ILE B 353 -1.52 29.30 2.43
C ILE B 353 -0.82 30.66 2.45
N ASN B 358 2.93 32.08 -4.22
CA ASN B 358 2.17 31.38 -3.18
C ASN B 358 2.02 29.89 -3.53
N VAL B 359 1.12 29.56 -4.49
CA VAL B 359 0.81 28.21 -4.97
C VAL B 359 0.65 28.22 -6.51
N ARG B 360 1.33 27.28 -7.19
CA ARG B 360 1.30 27.13 -8.66
C ARG B 360 0.49 25.90 -9.07
N CYS B 361 0.03 25.84 -10.33
CA CYS B 361 -0.71 24.68 -10.85
C CYS B 361 0.31 23.60 -11.22
N LEU B 362 -0.11 22.33 -11.32
CA LEU B 362 0.79 21.23 -11.68
C LEU B 362 1.17 21.30 -13.16
N GLN B 363 2.34 21.88 -13.43
CA GLN B 363 2.87 22.12 -14.77
C GLN B 363 3.14 20.89 -15.63
N HIS B 364 3.57 19.76 -15.03
CA HIS B 364 3.84 18.55 -15.82
C HIS B 364 2.56 17.82 -16.26
N PHE B 365 1.45 18.01 -15.53
CA PHE B 365 0.15 17.41 -15.78
C PHE B 365 -0.73 18.33 -16.64
N TYR B 366 -0.94 19.58 -16.19
CA TYR B 366 -1.71 20.60 -16.91
C TYR B 366 -0.78 21.34 -17.86
N GLY B 367 -1.35 22.05 -18.82
CA GLY B 367 -0.58 22.90 -19.71
C GLY B 367 -0.03 24.06 -18.91
N PRO B 368 1.24 24.49 -19.13
CA PRO B 368 1.78 25.60 -18.32
C PRO B 368 1.10 26.96 -18.54
N ASN B 369 0.18 27.04 -19.54
CA ASN B 369 -0.56 28.25 -19.90
C ASN B 369 -2.09 28.07 -19.89
N HIS B 370 -2.60 26.87 -19.57
CA HIS B 370 -4.04 26.59 -19.60
C HIS B 370 -4.93 27.19 -18.49
N GLU B 371 -6.26 27.31 -18.79
CA GLU B 371 -7.34 27.88 -17.97
C GLU B 371 -7.40 27.46 -16.50
N HIS B 372 -7.05 26.20 -16.18
CA HIS B 372 -7.06 25.65 -14.83
C HIS B 372 -6.09 26.40 -13.90
N CYS B 373 -4.94 26.83 -14.44
CA CYS B 373 -3.89 27.58 -13.74
C CYS B 373 -4.33 29.00 -13.41
N PHE B 374 -5.19 29.59 -14.27
CA PHE B 374 -5.72 30.95 -14.12
C PHE B 374 -7.09 30.91 -13.41
N ASN B 375 -7.13 30.27 -12.22
CA ASN B 375 -8.33 30.10 -11.38
C ASN B 375 -8.02 30.43 -9.90
N ARG B 376 -8.77 29.82 -8.95
CA ARG B 376 -8.66 29.98 -7.49
C ARG B 376 -8.82 31.42 -7.02
N ASP B 390 -8.53 17.52 -5.07
CA ASP B 390 -9.64 16.65 -5.48
C ASP B 390 -9.76 16.68 -7.00
N GLU B 391 -10.13 17.85 -7.56
CA GLU B 391 -10.29 18.07 -9.00
C GLU B 391 -9.02 18.71 -9.57
N TYR B 392 -8.48 19.73 -8.87
CA TYR B 392 -7.27 20.46 -9.28
C TYR B 392 -6.00 19.95 -8.59
N ARG B 393 -4.89 19.91 -9.35
CA ARG B 393 -3.58 19.44 -8.90
C ARG B 393 -2.62 20.61 -8.62
N THR B 394 -2.13 20.65 -7.37
CA THR B 394 -1.29 21.71 -6.77
C THR B 394 0.22 21.44 -6.83
N GLU B 395 1.01 22.54 -6.93
CA GLU B 395 2.46 22.57 -6.93
C GLU B 395 2.90 23.79 -6.11
N PHE B 396 3.61 23.56 -5.01
CA PHE B 396 4.09 24.64 -4.14
C PHE B 396 5.38 25.25 -4.69
N THR B 397 5.55 26.57 -4.47
CA THR B 397 6.74 27.33 -4.91
C THR B 397 7.84 27.35 -3.84
N THR B 398 7.47 27.57 -2.56
CA THR B 398 8.42 27.57 -1.45
C THR B 398 8.62 26.16 -0.90
N ALA B 399 9.89 25.81 -0.61
CA ALA B 399 10.30 24.51 -0.09
C ALA B 399 10.30 24.45 1.44
N LEU B 400 9.96 23.28 2.00
CA LEU B 400 10.02 23.04 3.45
C LEU B 400 11.47 22.64 3.70
N GLN B 401 12.16 23.36 4.58
CA GLN B 401 13.56 23.06 4.83
C GLN B 401 13.95 22.79 6.27
N ARG B 402 14.95 21.90 6.43
CA ARG B 402 15.51 21.49 7.72
C ARG B 402 17.04 21.52 7.63
N VAL B 403 17.70 21.72 8.78
CA VAL B 403 19.17 21.75 8.89
C VAL B 403 19.71 20.33 9.16
N ASP B 404 20.80 19.95 8.45
CA ASP B 404 21.45 18.64 8.56
C ASP B 404 21.65 18.23 10.02
N LEU B 405 21.02 17.11 10.43
CA LEU B 405 21.09 16.59 11.79
C LEU B 405 22.47 16.07 12.20
N PHE B 406 23.30 15.69 11.21
CA PHE B 406 24.67 15.25 11.44
C PHE B 406 25.65 16.44 11.37
N MET B 407 25.13 17.66 11.09
CA MET B 407 25.88 18.92 10.98
C MET B 407 27.16 18.85 10.14
N GLY B 408 26.97 18.48 8.87
CA GLY B 408 28.04 18.37 7.87
C GLY B 408 29.02 17.23 8.06
N GLN B 409 28.67 16.23 8.90
CA GLN B 409 29.50 15.05 9.20
C GLN B 409 29.76 14.17 7.95
N PHE B 410 28.75 14.04 7.06
CA PHE B 410 28.83 13.21 5.87
C PHE B 410 28.86 14.04 4.58
N SER B 411 29.35 15.29 4.69
CA SER B 411 29.47 16.23 3.57
C SER B 411 30.60 15.86 2.58
N GLU B 412 31.34 14.77 2.85
CA GLU B 412 32.42 14.28 2.01
C GLU B 412 32.14 12.89 1.42
N VAL B 413 31.07 12.22 1.88
CA VAL B 413 30.67 10.88 1.43
C VAL B 413 29.25 10.84 0.86
N LEU B 414 28.97 9.89 -0.05
CA LEU B 414 27.63 9.70 -0.61
C LEU B 414 26.88 8.60 0.17
N LEU B 415 25.87 9.03 0.96
CA LEU B 415 25.01 8.13 1.72
C LEU B 415 23.95 7.56 0.75
N THR B 416 23.83 6.22 0.66
CA THR B 416 22.91 5.55 -0.27
C THR B 416 21.83 4.73 0.43
N SER B 417 21.87 4.70 1.78
CA SER B 417 20.93 3.93 2.59
C SER B 417 20.75 4.53 3.99
N ILE B 418 19.53 4.41 4.51
CA ILE B 418 19.11 4.89 5.83
C ILE B 418 17.97 4.05 6.40
N SER B 419 18.07 3.72 7.69
CA SER B 419 17.04 3.03 8.48
C SER B 419 17.25 3.44 9.93
N THR B 420 16.21 4.01 10.56
CA THR B 420 16.27 4.51 11.93
C THR B 420 15.61 3.57 12.94
N PHE B 421 16.10 3.60 14.19
CA PHE B 421 15.60 2.79 15.30
C PHE B 421 15.88 3.40 16.69
N ILE B 422 15.02 3.07 17.68
CA ILE B 422 15.09 3.58 19.05
C ILE B 422 15.72 2.55 20.00
N LYS B 423 16.68 3.02 20.80
CA LYS B 423 17.35 2.25 21.85
C LYS B 423 17.37 3.16 23.08
N GLY B 424 16.42 2.90 23.99
CA GLY B 424 16.22 3.67 25.21
C GLY B 424 15.73 5.07 24.89
N ASP B 425 16.47 6.08 25.37
CA ASP B 425 16.17 7.48 25.12
C ASP B 425 16.71 7.93 23.75
N LEU B 426 17.65 7.15 23.19
CA LEU B 426 18.36 7.43 21.94
C LEU B 426 17.69 7.02 20.63
N THR B 427 18.13 7.67 19.52
CA THR B 427 17.73 7.41 18.14
C THR B 427 19.00 7.07 17.38
N ILE B 428 19.04 5.89 16.75
CA ILE B 428 20.21 5.42 16.01
C ILE B 428 19.85 5.23 14.54
N ALA B 429 20.78 5.59 13.64
CA ALA B 429 20.60 5.45 12.20
C ALA B 429 21.57 4.45 11.61
N ASN B 430 21.04 3.50 10.82
CA ASN B 430 21.84 2.54 10.08
C ASN B 430 22.12 3.23 8.75
N LEU B 431 23.39 3.52 8.48
CA LEU B 431 23.76 4.26 7.28
C LEU B 431 24.60 3.47 6.32
N GLY B 432 24.22 3.56 5.04
CA GLY B 432 24.91 2.92 3.94
C GLY B 432 25.60 3.97 3.09
N THR B 433 26.75 3.59 2.52
CA THR B 433 27.59 4.47 1.71
C THR B 433 27.72 3.92 0.27
N SER B 434 28.15 4.79 -0.66
CA SER B 434 28.43 4.47 -2.07
C SER B 434 29.73 3.63 -2.17
N GLU B 435 30.59 3.62 -1.12
CA GLU B 435 31.83 2.84 -1.07
C GLU B 435 31.59 1.41 -0.59
N GLY B 436 30.45 1.19 0.05
CA GLY B 436 30.07 -0.10 0.60
C GLY B 436 30.19 -0.15 2.12
N ARG B 437 30.44 1.03 2.73
CA ARG B 437 30.57 1.22 4.17
C ARG B 437 29.20 1.22 4.86
N PHE B 438 29.12 0.49 5.97
CA PHE B 438 27.94 0.45 6.81
C PHE B 438 28.30 1.00 8.17
N MET B 439 27.42 1.83 8.73
CA MET B 439 27.63 2.41 10.04
C MET B 439 26.37 2.64 10.85
N GLN B 440 26.51 2.60 12.19
CA GLN B 440 25.46 2.87 13.16
C GLN B 440 25.94 4.09 13.96
N VAL B 441 25.14 5.17 13.98
CA VAL B 441 25.48 6.43 14.64
C VAL B 441 24.25 7.04 15.34
N VAL B 442 24.46 7.71 16.48
CA VAL B 442 23.40 8.36 17.26
C VAL B 442 22.97 9.65 16.58
N VAL B 443 21.64 9.86 16.48
CA VAL B 443 21.03 11.05 15.88
C VAL B 443 20.56 11.96 17.02
N SER B 444 21.10 13.19 17.05
CA SER B 444 20.81 14.22 18.06
C SER B 444 20.86 15.61 17.40
N ARG B 445 19.84 16.44 17.66
CA ARG B 445 19.76 17.81 17.11
C ARG B 445 20.92 18.67 17.60
N SER B 446 21.34 18.45 18.85
CA SER B 446 22.44 19.19 19.45
C SER B 446 23.72 18.36 19.43
N GLY B 447 24.50 18.54 18.36
CA GLY B 447 25.81 17.92 18.16
C GLY B 447 25.89 16.54 17.56
N PRO B 448 26.85 16.31 16.61
CA PRO B 448 27.02 14.95 16.05
C PRO B 448 27.82 14.02 16.98
N SER B 449 27.74 12.71 16.72
CA SER B 449 28.43 11.68 17.51
C SER B 449 29.33 10.81 16.63
N THR B 450 30.27 10.08 17.24
CA THR B 450 31.14 9.16 16.48
C THR B 450 30.37 7.85 16.26
N PRO B 451 30.39 7.28 15.03
CA PRO B 451 29.66 6.01 14.81
C PRO B 451 30.25 4.86 15.61
N HIS B 452 29.41 4.16 16.39
CA HIS B 452 29.83 3.00 17.18
C HIS B 452 30.23 1.86 16.26
N VAL B 453 29.39 1.55 15.25
CA VAL B 453 29.68 0.56 14.21
C VAL B 453 30.14 1.38 12.99
N ASN B 454 31.25 0.99 12.34
CA ASN B 454 31.83 1.65 11.16
C ASN B 454 32.78 0.66 10.48
N PHE B 455 32.33 0.01 9.39
CA PHE B 455 33.13 -0.97 8.64
C PHE B 455 32.73 -1.13 7.16
N LEU B 456 33.63 -1.71 6.36
CA LEU B 456 33.41 -2.00 4.95
C LEU B 456 32.61 -3.30 4.84
N LEU B 457 31.34 -3.20 4.45
CA LEU B 457 30.46 -4.38 4.30
C LEU B 457 30.78 -5.16 3.03
N ASP B 458 30.86 -4.45 1.89
CA ASP B 458 31.13 -5.01 0.57
C ASP B 458 31.75 -3.91 -0.31
N SER B 459 32.25 -4.28 -1.50
CA SER B 459 32.81 -3.30 -2.44
C SER B 459 31.67 -2.51 -3.11
N HIS B 460 30.50 -3.18 -3.28
CA HIS B 460 29.28 -2.63 -3.89
C HIS B 460 28.60 -1.62 -2.95
N PRO B 461 28.03 -0.49 -3.46
CA PRO B 461 27.29 0.42 -2.57
C PRO B 461 26.13 -0.25 -1.84
N VAL B 462 25.68 0.36 -0.75
CA VAL B 462 24.58 -0.19 0.05
C VAL B 462 23.24 0.23 -0.57
N SER B 463 22.34 -0.74 -0.74
CA SER B 463 21.01 -0.52 -1.34
C SER B 463 20.09 0.27 -0.41
N PRO B 464 19.24 1.19 -0.96
CA PRO B 464 18.30 1.94 -0.11
C PRO B 464 17.18 1.05 0.44
N GLU B 465 17.07 -0.19 -0.08
CA GLU B 465 16.10 -1.22 0.31
C GLU B 465 16.52 -1.85 1.62
N VAL B 466 15.87 -1.43 2.72
CA VAL B 466 16.17 -1.88 4.08
C VAL B 466 15.00 -2.54 4.82
N ILE B 467 15.32 -3.23 5.93
CA ILE B 467 14.38 -3.90 6.83
C ILE B 467 14.94 -3.84 8.26
N VAL B 468 14.10 -3.41 9.23
CA VAL B 468 14.43 -3.33 10.65
C VAL B 468 13.40 -4.17 11.42
N GLU B 469 13.87 -5.16 12.18
CA GLU B 469 12.99 -6.01 12.99
C GLU B 469 13.23 -5.78 14.46
N HIS B 470 12.16 -5.55 15.23
CA HIS B 470 12.24 -5.30 16.67
C HIS B 470 11.65 -6.45 17.50
N THR B 471 12.53 -7.31 18.01
CA THR B 471 12.15 -8.45 18.86
C THR B 471 12.27 -8.05 20.32
N LEU B 472 11.20 -8.33 21.11
CA LEU B 472 11.01 -8.04 22.54
C LEU B 472 12.15 -7.31 23.28
N ASN B 473 11.92 -6.00 23.60
CA ASN B 473 12.80 -5.03 24.27
C ASN B 473 13.82 -4.33 23.33
N GLN B 474 13.39 -4.05 22.08
CA GLN B 474 14.12 -3.36 21.01
C GLN B 474 15.45 -4.02 20.51
N ASN B 475 15.77 -5.24 20.98
CA ASN B 475 16.99 -6.00 20.64
C ASN B 475 16.85 -6.90 19.39
N GLY B 476 16.69 -6.28 18.23
CA GLY B 476 16.50 -6.96 16.96
C GLY B 476 17.68 -6.89 16.00
N TYR B 477 17.38 -6.77 14.69
CA TYR B 477 18.40 -6.74 13.62
C TYR B 477 18.02 -5.86 12.41
N THR B 478 18.96 -5.73 11.45
CA THR B 478 18.81 -4.99 10.20
C THR B 478 19.26 -5.86 9.03
N LEU B 479 18.48 -5.84 7.94
CA LEU B 479 18.81 -6.55 6.71
C LEU B 479 19.34 -5.51 5.74
N VAL B 480 20.63 -5.64 5.40
CA VAL B 480 21.35 -4.70 4.54
C VAL B 480 21.79 -5.36 3.23
N ILE B 481 21.41 -4.75 2.08
CA ILE B 481 21.77 -5.23 0.74
C ILE B 481 23.00 -4.51 0.17
N THR B 482 23.90 -5.31 -0.45
CA THR B 482 25.15 -4.88 -1.10
C THR B 482 25.37 -5.78 -2.34
N GLY B 483 24.87 -5.32 -3.49
CA GLY B 483 24.95 -6.04 -4.75
C GLY B 483 24.08 -7.28 -4.76
N LYS B 484 24.71 -8.46 -4.74
CA LYS B 484 24.00 -9.72 -4.65
C LYS B 484 24.12 -10.33 -3.24
N LYS B 485 24.49 -9.51 -2.25
CA LYS B 485 24.66 -9.92 -0.86
C LYS B 485 23.70 -9.21 0.08
N ILE B 486 23.17 -9.97 1.05
CA ILE B 486 22.28 -9.52 2.11
C ILE B 486 22.91 -9.97 3.43
N THR B 487 23.03 -9.03 4.37
CA THR B 487 23.67 -9.24 5.67
C THR B 487 22.72 -8.91 6.81
N LYS B 488 22.79 -9.71 7.89
CA LYS B 488 22.00 -9.53 9.10
C LYS B 488 22.94 -8.91 10.14
N ILE B 489 22.77 -7.60 10.39
CA ILE B 489 23.57 -6.83 11.35
C ILE B 489 22.69 -6.60 12.59
N PRO B 490 23.21 -6.81 13.83
CA PRO B 490 22.36 -6.57 15.01
C PRO B 490 22.20 -5.08 15.34
N LEU B 491 21.08 -4.74 16.01
CA LEU B 491 20.75 -3.37 16.40
C LEU B 491 21.52 -2.91 17.65
N ASN B 492 21.96 -3.86 18.49
CA ASN B 492 22.70 -3.57 19.72
C ASN B 492 24.21 -3.36 19.52
N GLY B 493 24.58 -3.03 18.28
CA GLY B 493 25.96 -2.78 17.90
C GLY B 493 26.67 -4.01 17.39
N LEU B 494 27.97 -3.85 17.06
CA LEU B 494 28.81 -4.92 16.53
C LEU B 494 30.08 -5.08 17.34
N GLY B 495 29.91 -5.55 18.56
CA GLY B 495 31.01 -5.78 19.47
C GLY B 495 31.35 -4.60 20.34
N CYS B 496 32.65 -4.45 20.66
CA CYS B 496 33.18 -3.45 21.59
C CYS B 496 34.68 -3.23 21.38
N ARG B 497 35.41 -4.33 21.06
CA ARG B 497 36.87 -4.39 20.87
C ARG B 497 37.46 -3.55 19.72
N HIS B 498 36.61 -2.82 18.96
CA HIS B 498 37.06 -1.98 17.85
C HIS B 498 37.52 -0.59 18.28
N PHE B 499 37.07 -0.11 19.46
CA PHE B 499 37.46 1.21 20.00
C PHE B 499 38.92 1.22 20.45
N GLN B 500 39.76 1.94 19.70
CA GLN B 500 41.22 2.06 19.88
C GLN B 500 41.63 2.78 21.18
N SER B 501 40.99 3.93 21.49
CA SER B 501 41.30 4.75 22.66
C SER B 501 40.18 4.77 23.73
N CYS B 502 40.55 5.16 24.98
CA CYS B 502 39.64 5.32 26.12
C CYS B 502 38.54 6.34 25.81
N SER B 503 38.89 7.39 25.03
CA SER B 503 38.01 8.47 24.55
C SER B 503 36.86 7.88 23.74
N GLN B 504 37.20 7.14 22.65
CA GLN B 504 36.25 6.49 21.76
C GLN B 504 35.43 5.44 22.49
N CYS B 505 36.07 4.71 23.42
CA CYS B 505 35.43 3.67 24.24
C CYS B 505 34.33 4.23 25.14
N LEU B 506 34.58 5.39 25.78
CA LEU B 506 33.64 6.05 26.70
C LEU B 506 32.58 6.89 26.00
N SER B 507 32.78 7.20 24.71
CA SER B 507 31.85 7.98 23.90
C SER B 507 30.74 7.09 23.32
N ALA B 508 30.90 5.76 23.47
CA ALA B 508 29.97 4.74 23.00
C ALA B 508 28.61 4.80 23.72
N PRO B 509 27.47 4.61 23.01
CA PRO B 509 26.17 4.65 23.71
C PRO B 509 25.97 3.53 24.74
N PRO B 510 25.16 3.76 25.80
CA PRO B 510 25.01 2.76 26.88
C PRO B 510 24.56 1.34 26.52
N PHE B 511 23.79 1.15 25.42
CA PHE B 511 23.31 -0.18 25.02
C PHE B 511 24.42 -1.13 24.53
N VAL B 512 25.55 -0.56 24.10
CA VAL B 512 26.73 -1.30 23.63
C VAL B 512 27.44 -1.94 24.83
N GLN B 513 27.24 -1.36 26.06
CA GLN B 513 27.78 -1.79 27.35
C GLN B 513 29.31 -1.96 27.33
N CYS B 514 29.99 -0.90 26.85
CA CYS B 514 31.44 -0.81 26.72
C CYS B 514 32.09 -0.05 27.88
N GLY B 515 33.34 -0.37 28.15
CA GLY B 515 34.14 0.25 29.20
C GLY B 515 35.61 0.00 29.01
N TRP B 516 36.45 0.89 29.54
CA TRP B 516 37.90 0.79 29.42
C TRP B 516 38.50 -0.07 30.53
N CYS B 517 39.35 -1.02 30.14
CA CYS B 517 40.05 -1.95 31.03
C CYS B 517 41.56 -1.88 30.76
N HIS B 518 42.22 -0.83 31.32
CA HIS B 518 43.64 -0.52 31.22
C HIS B 518 44.17 -0.23 29.80
N ASP B 519 44.05 -1.18 28.87
CA ASP B 519 44.57 -1.06 27.50
C ASP B 519 43.55 -1.49 26.40
N LYS B 520 42.40 -2.04 26.80
CA LYS B 520 41.39 -2.53 25.85
C LYS B 520 39.95 -2.13 26.19
N CYS B 521 39.14 -1.88 25.15
CA CYS B 521 37.72 -1.55 25.29
C CYS B 521 36.92 -2.84 25.23
N VAL B 522 36.36 -3.24 26.38
CA VAL B 522 35.61 -4.51 26.54
C VAL B 522 34.36 -4.31 27.41
N ARG B 523 33.60 -5.41 27.61
CA ARG B 523 32.42 -5.43 28.49
C ARG B 523 32.91 -5.66 29.92
N SER B 524 32.03 -5.41 30.92
CA SER B 524 32.35 -5.56 32.35
C SER B 524 32.86 -6.95 32.72
N GLU B 525 32.18 -7.99 32.20
CA GLU B 525 32.48 -9.41 32.42
C GLU B 525 33.81 -9.89 31.82
N GLU B 526 34.37 -9.15 30.85
CA GLU B 526 35.64 -9.53 30.20
C GLU B 526 36.90 -8.72 30.61
N CYS B 527 36.79 -7.89 31.68
CA CYS B 527 37.92 -7.10 32.19
C CYS B 527 38.75 -7.95 33.15
N LEU B 528 39.94 -8.39 32.67
CA LEU B 528 40.91 -9.23 33.38
C LEU B 528 41.32 -8.62 34.72
N SER B 529 42.09 -7.50 34.66
CA SER B 529 42.64 -6.74 35.78
C SER B 529 41.60 -6.25 36.80
N GLY B 530 40.42 -5.87 36.33
CA GLY B 530 39.34 -5.37 37.18
C GLY B 530 39.19 -3.86 37.18
N THR B 531 40.13 -3.15 36.51
CA THR B 531 40.12 -1.69 36.39
C THR B 531 39.15 -1.23 35.29
N TRP B 532 37.86 -1.57 35.44
CA TRP B 532 36.79 -1.28 34.48
C TRP B 532 35.96 -0.05 34.82
N THR B 533 36.07 0.99 33.96
CA THR B 533 35.31 2.25 34.13
C THR B 533 34.60 2.66 32.84
N GLN B 534 33.52 3.44 33.00
CA GLN B 534 32.72 4.05 31.95
C GLN B 534 32.72 5.57 32.18
N GLN B 535 33.54 6.03 33.16
CA GLN B 535 33.61 7.43 33.60
C GLN B 535 34.99 8.08 33.56
N ILE B 536 36.06 7.34 33.88
CA ILE B 536 37.40 7.93 33.97
C ILE B 536 38.43 7.39 32.96
N CYS B 537 39.13 8.33 32.30
CA CYS B 537 40.24 8.06 31.38
C CYS B 537 41.45 8.78 31.92
N LEU B 538 42.43 8.02 32.40
CA LEU B 538 43.68 8.59 32.92
C LEU B 538 44.73 8.63 31.78
N PRO B 539 45.94 9.25 31.93
CA PRO B 539 46.88 9.25 30.80
C PRO B 539 47.49 7.87 30.55
N ALA B 540 46.78 7.05 29.73
CA ALA B 540 47.17 5.68 29.39
C ALA B 540 48.20 5.65 28.26
N ILE C 1 -23.21 -12.90 -7.36
CA ILE C 1 -23.33 -13.98 -6.38
C ILE C 1 -22.67 -15.23 -6.96
N VAL C 2 -21.57 -15.69 -6.33
CA VAL C 2 -20.83 -16.89 -6.73
C VAL C 2 -21.45 -18.09 -5.99
N GLY C 3 -21.67 -19.17 -6.71
CA GLY C 3 -22.29 -20.39 -6.18
C GLY C 3 -23.73 -20.18 -5.79
N GLY C 4 -24.41 -19.31 -6.53
CA GLY C 4 -25.79 -18.93 -6.28
C GLY C 4 -26.81 -19.56 -7.21
N TYR C 5 -28.08 -19.25 -6.96
CA TYR C 5 -29.21 -19.76 -7.71
C TYR C 5 -30.09 -18.58 -8.14
N PRO C 6 -31.06 -18.72 -9.08
CA PRO C 6 -31.93 -17.58 -9.41
C PRO C 6 -32.78 -17.21 -8.19
N TRP C 7 -32.95 -15.90 -7.96
CA TRP C 7 -33.66 -15.29 -6.83
C TRP C 7 -34.88 -16.04 -6.27
N TRP C 8 -35.67 -16.69 -7.15
CA TRP C 8 -36.88 -17.44 -6.78
C TRP C 8 -36.62 -18.85 -6.18
N MET C 9 -35.45 -19.05 -5.54
CA MET C 9 -35.04 -20.30 -4.91
C MET C 9 -34.59 -20.06 -3.47
#